data_1CYD
#
_entry.id   1CYD
#
_cell.length_a   79.730
_cell.length_b   105.500
_cell.length_c   60.870
_cell.angle_alpha   90.00
_cell.angle_beta   91.43
_cell.angle_gamma   90.00
#
_symmetry.space_group_name_H-M   'P 1 21 1'
#
loop_
_entity.id
_entity.type
_entity.pdbx_description
1 polymer 'CARBONYL REDUCTASE'
2 non-polymer 'NADPH DIHYDRO-NICOTINAMIDE-ADENINE-DINUCLEOTIDE PHOSPHATE'
3 non-polymer 'ISOPROPYL ALCOHOL'
4 water water
#
_entity_poly.entity_id   1
_entity_poly.type   'polypeptide(L)'
_entity_poly.pdbx_seq_one_letter_code
;MKLNFSGLRALVTGAGKGIGRDTVKALHASGAKVVAVTRTNSDLVSLAKECPGIEPVCVDLGDWDATEKALGGIGPVDLL
VNNAALVIMQPFLEVTKEAFDRSFSVNLRSVFQVSQMVARDMINRGVPGSIVNVSSMVAHVTFPNLITYSSTKGAMTMLT
KAMAMELGPHKIRVNSVNPTVVLTDMGKKVSADPEFARKLKERHPLRKFAEVEDVVNSILFLLSDRSASTSGGGILVDAG
YLAS
;
_entity_poly.pdbx_strand_id   A,B,C,D
#
loop_
_chem_comp.id
_chem_comp.type
_chem_comp.name
_chem_comp.formula
IPA non-polymer 'ISOPROPYL ALCOHOL' 'C3 H8 O'
NDP non-polymer 'NADPH DIHYDRO-NICOTINAMIDE-ADENINE-DINUCLEOTIDE PHOSPHATE' 'C21 H30 N7 O17 P3'
#
# COMPACT_ATOMS: atom_id res chain seq x y z
N LEU A 3 -8.85 -6.22 29.65
CA LEU A 3 -9.02 -4.73 29.60
C LEU A 3 -10.23 -4.36 30.45
N ASN A 4 -10.31 -3.09 30.83
CA ASN A 4 -11.42 -2.60 31.64
C ASN A 4 -12.20 -1.52 30.90
N PHE A 5 -13.46 -1.79 30.64
CA PHE A 5 -14.29 -0.84 29.94
C PHE A 5 -15.41 -0.34 30.84
N SER A 6 -15.25 -0.56 32.14
CA SER A 6 -16.26 -0.13 33.12
C SER A 6 -16.60 1.33 32.96
N GLY A 7 -17.90 1.63 32.96
CA GLY A 7 -18.33 3.00 32.81
C GLY A 7 -18.53 3.42 31.36
N LEU A 8 -18.12 2.59 30.41
CA LEU A 8 -18.27 2.91 28.98
C LEU A 8 -19.46 2.18 28.35
N ARG A 9 -20.02 2.78 27.32
CA ARG A 9 -21.15 2.19 26.63
C ARG A 9 -20.73 1.94 25.20
N ALA A 10 -20.91 0.72 24.75
CA ALA A 10 -20.52 0.34 23.43
C ALA A 10 -21.73 -0.06 22.61
N LEU A 11 -21.60 0.04 21.29
CA LEU A 11 -22.64 -0.34 20.35
C LEU A 11 -21.93 -1.25 19.34
N VAL A 12 -22.42 -2.47 19.18
CA VAL A 12 -21.86 -3.46 18.25
C VAL A 12 -22.94 -3.86 17.26
N THR A 13 -22.67 -3.68 15.96
CA THR A 13 -23.65 -4.06 14.94
C THR A 13 -23.39 -5.48 14.47
N GLY A 14 -24.43 -6.16 13.97
CA GLY A 14 -24.29 -7.53 13.53
C GLY A 14 -23.91 -8.36 14.75
N ALA A 15 -24.56 -8.04 15.88
CA ALA A 15 -24.30 -8.71 17.16
C ALA A 15 -24.92 -10.08 17.35
N GLY A 16 -25.82 -10.49 16.46
CA GLY A 16 -26.49 -11.76 16.64
C GLY A 16 -25.71 -13.04 16.41
N LYS A 17 -24.67 -12.96 15.60
CA LYS A 17 -23.88 -14.13 15.27
C LYS A 17 -22.39 -13.81 15.14
N GLY A 18 -21.60 -14.87 15.03
CA GLY A 18 -20.16 -14.80 14.84
C GLY A 18 -19.32 -13.79 15.59
N ILE A 19 -18.48 -13.08 14.86
CA ILE A 19 -17.57 -12.09 15.41
C ILE A 19 -18.30 -11.08 16.29
N GLY A 20 -19.40 -10.53 15.77
CA GLY A 20 -20.19 -9.55 16.52
C GLY A 20 -20.71 -10.11 17.83
N ARG A 21 -21.21 -11.34 17.81
CA ARG A 21 -21.75 -11.94 19.02
C ARG A 21 -20.69 -12.02 20.13
N ASP A 22 -19.50 -12.54 19.77
CA ASP A 22 -18.41 -12.68 20.72
C ASP A 22 -17.81 -11.36 21.15
N THR A 23 -17.94 -10.34 20.29
CA THR A 23 -17.42 -9.03 20.64
C THR A 23 -18.30 -8.48 21.76
N VAL A 24 -19.61 -8.71 21.66
CA VAL A 24 -20.56 -8.28 22.69
C VAL A 24 -20.23 -8.98 24.01
N LYS A 25 -20.01 -10.28 23.96
CA LYS A 25 -19.69 -11.05 25.14
C LYS A 25 -18.42 -10.53 25.82
N ALA A 26 -17.36 -10.30 25.04
CA ALA A 26 -16.10 -9.77 25.56
C ALA A 26 -16.27 -8.40 26.22
N LEU A 27 -16.98 -7.49 25.56
CA LEU A 27 -17.20 -6.16 26.11
C LEU A 27 -18.05 -6.23 27.38
N HIS A 28 -19.05 -7.12 27.37
CA HIS A 28 -19.94 -7.31 28.50
C HIS A 28 -19.12 -7.79 29.70
N ALA A 29 -18.25 -8.77 29.44
CA ALA A 29 -17.39 -9.34 30.45
C ALA A 29 -16.38 -8.33 30.98
N SER A 30 -16.12 -7.28 30.20
CA SER A 30 -15.18 -6.24 30.59
C SER A 30 -15.82 -5.09 31.32
N GLY A 31 -17.10 -5.22 31.66
CA GLY A 31 -17.79 -4.17 32.38
C GLY A 31 -18.44 -3.07 31.57
N ALA A 32 -18.37 -3.17 30.24
CA ALA A 32 -18.98 -2.16 29.39
C ALA A 32 -20.49 -2.38 29.25
N LYS A 33 -21.23 -1.28 29.12
CA LYS A 33 -22.67 -1.34 28.90
C LYS A 33 -22.77 -1.53 27.37
N VAL A 34 -23.41 -2.61 26.92
CA VAL A 34 -23.50 -2.89 25.49
C VAL A 34 -24.87 -2.84 24.80
N VAL A 35 -24.93 -2.11 23.70
CA VAL A 35 -26.13 -1.99 22.86
C VAL A 35 -25.82 -2.94 21.69
N ALA A 36 -26.57 -4.03 21.60
CA ALA A 36 -26.35 -4.99 20.54
C ALA A 36 -27.40 -4.78 19.44
N VAL A 37 -26.93 -4.54 18.22
CA VAL A 37 -27.80 -4.30 17.08
C VAL A 37 -27.66 -5.44 16.08
N THR A 38 -28.76 -6.11 15.75
CA THR A 38 -28.71 -7.20 14.78
C THR A 38 -30.04 -7.37 14.04
N ARG A 39 -30.01 -8.13 12.96
CA ARG A 39 -31.17 -8.33 12.11
C ARG A 39 -32.23 -9.32 12.60
N THR A 40 -31.79 -10.44 13.17
CA THR A 40 -32.70 -11.47 13.61
C THR A 40 -32.93 -11.37 15.11
N ASN A 41 -34.18 -11.11 15.48
CA ASN A 41 -34.54 -10.95 16.88
C ASN A 41 -34.23 -12.14 17.79
N SER A 42 -34.47 -13.36 17.31
CA SER A 42 -34.22 -14.53 18.14
C SER A 42 -32.77 -14.62 18.63
N ASP A 43 -31.84 -14.04 17.88
CA ASP A 43 -30.42 -14.04 18.27
C ASP A 43 -30.27 -13.12 19.49
N LEU A 44 -31.01 -12.01 19.48
CA LEU A 44 -30.95 -11.05 20.58
C LEU A 44 -31.56 -11.66 21.84
N VAL A 45 -32.56 -12.51 21.66
CA VAL A 45 -33.22 -13.15 22.78
C VAL A 45 -32.29 -14.12 23.50
N SER A 46 -31.55 -14.94 22.76
CA SER A 46 -30.62 -15.87 23.40
C SER A 46 -29.40 -15.15 23.97
N LEU A 47 -28.92 -14.11 23.28
CA LEU A 47 -27.77 -13.35 23.75
C LEU A 47 -28.11 -12.65 25.07
N ALA A 48 -29.35 -12.17 25.20
CA ALA A 48 -29.77 -11.49 26.43
C ALA A 48 -29.78 -12.43 27.65
N LYS A 49 -29.95 -13.73 27.41
CA LYS A 49 -29.95 -14.71 28.50
C LYS A 49 -28.51 -14.89 28.95
N GLU A 50 -27.62 -15.02 27.96
CA GLU A 50 -26.18 -15.19 28.19
C GLU A 50 -25.49 -13.93 28.68
N CYS A 51 -25.99 -12.75 28.27
CA CYS A 51 -25.39 -11.50 28.69
C CYS A 51 -26.42 -10.53 29.25
N PRO A 52 -26.95 -10.84 30.44
CA PRO A 52 -27.95 -10.00 31.11
C PRO A 52 -27.47 -8.57 31.21
N GLY A 53 -28.33 -7.63 30.82
CA GLY A 53 -27.96 -6.24 30.89
C GLY A 53 -27.79 -5.55 29.55
N ILE A 54 -27.46 -6.31 28.50
CA ILE A 54 -27.30 -5.70 27.16
C ILE A 54 -28.62 -5.13 26.69
N GLU A 55 -28.53 -4.14 25.83
CA GLU A 55 -29.70 -3.49 25.27
C GLU A 55 -29.84 -3.94 23.82
N PRO A 56 -30.77 -4.87 23.56
CA PRO A 56 -30.99 -5.37 22.20
C PRO A 56 -31.75 -4.41 21.30
N VAL A 57 -31.33 -4.30 20.05
CA VAL A 57 -31.99 -3.46 19.05
C VAL A 57 -32.04 -4.29 17.78
N CYS A 58 -33.25 -4.60 17.34
CA CYS A 58 -33.46 -5.40 16.14
C CYS A 58 -33.80 -4.47 14.98
N VAL A 59 -32.95 -4.43 13.97
CA VAL A 59 -33.20 -3.57 12.83
C VAL A 59 -32.39 -4.07 11.64
N ASP A 60 -32.86 -3.74 10.44
CA ASP A 60 -32.14 -4.11 9.22
C ASP A 60 -31.31 -2.86 8.89
N LEU A 61 -30.01 -2.99 9.06
CA LEU A 61 -29.07 -1.89 8.82
C LEU A 61 -29.01 -1.44 7.35
N GLY A 62 -29.59 -2.25 6.46
CA GLY A 62 -29.64 -1.90 5.06
C GLY A 62 -30.73 -0.85 4.84
N ASP A 63 -31.63 -0.70 5.82
CA ASP A 63 -32.74 0.26 5.75
C ASP A 63 -32.37 1.55 6.50
N TRP A 64 -32.07 2.60 5.76
CA TRP A 64 -31.67 3.88 6.34
C TRP A 64 -32.71 4.45 7.30
N ASP A 65 -33.98 4.45 6.88
CA ASP A 65 -35.04 5.01 7.71
C ASP A 65 -35.33 4.20 8.96
N ALA A 66 -35.36 2.88 8.84
CA ALA A 66 -35.58 2.01 10.00
C ALA A 66 -34.39 2.20 10.97
N THR A 67 -33.18 2.26 10.42
CA THR A 67 -31.98 2.45 11.23
C THR A 67 -32.02 3.78 11.99
N GLU A 68 -32.40 4.85 11.32
CA GLU A 68 -32.47 6.14 11.99
C GLU A 68 -33.52 6.14 13.11
N LYS A 69 -34.59 5.39 12.89
CA LYS A 69 -35.67 5.29 13.86
C LYS A 69 -35.24 4.48 15.08
N ALA A 70 -34.57 3.36 14.82
CA ALA A 70 -34.12 2.46 15.88
C ALA A 70 -32.94 2.94 16.70
N LEU A 71 -32.04 3.70 16.08
CA LEU A 71 -30.84 4.19 16.77
C LEU A 71 -30.75 5.68 17.01
N GLY A 72 -31.71 6.43 16.48
CA GLY A 72 -31.72 7.87 16.66
C GLY A 72 -31.70 8.35 18.10
N GLY A 73 -32.15 7.49 19.03
CA GLY A 73 -32.14 7.89 20.43
C GLY A 73 -31.54 6.90 21.42
N ILE A 74 -30.52 6.12 21.02
CA ILE A 74 -29.91 5.18 21.97
C ILE A 74 -29.15 5.89 23.08
N GLY A 75 -28.75 7.13 22.84
CA GLY A 75 -28.04 7.86 23.87
C GLY A 75 -26.52 7.84 23.73
N PRO A 76 -25.79 8.04 24.83
CA PRO A 76 -24.32 8.05 24.82
C PRO A 76 -23.65 6.72 24.44
N VAL A 77 -22.77 6.77 23.46
CA VAL A 77 -22.01 5.61 22.98
C VAL A 77 -20.55 6.08 22.96
N ASP A 78 -19.69 5.33 23.64
CA ASP A 78 -18.27 5.67 23.73
C ASP A 78 -17.41 4.80 22.84
N LEU A 79 -17.91 3.59 22.55
CA LEU A 79 -17.20 2.62 21.75
C LEU A 79 -18.11 2.05 20.67
N LEU A 80 -17.69 2.15 19.42
CA LEU A 80 -18.49 1.67 18.29
C LEU A 80 -17.77 0.60 17.48
N VAL A 81 -18.45 -0.51 17.22
CA VAL A 81 -17.88 -1.56 16.41
C VAL A 81 -18.84 -1.77 15.24
N ASN A 82 -18.43 -1.33 14.05
CA ASN A 82 -19.25 -1.50 12.84
C ASN A 82 -18.87 -2.86 12.28
N ASN A 83 -19.67 -3.88 12.59
CA ASN A 83 -19.38 -5.26 12.22
C ASN A 83 -20.32 -5.97 11.22
N ALA A 84 -21.58 -5.54 11.20
CA ALA A 84 -22.57 -6.14 10.29
C ALA A 84 -22.14 -6.12 8.83
N ALA A 85 -22.34 -7.24 8.15
CA ALA A 85 -22.03 -7.34 6.73
C ALA A 85 -22.61 -8.62 6.18
N LEU A 86 -22.77 -8.68 4.85
CA LEU A 86 -23.27 -9.88 4.21
C LEU A 86 -22.47 -10.11 2.94
N VAL A 87 -22.34 -11.38 2.60
CA VAL A 87 -21.60 -11.83 1.44
C VAL A 87 -22.54 -12.43 0.40
N ILE A 88 -22.56 -11.84 -0.79
CA ILE A 88 -23.37 -12.37 -1.89
C ILE A 88 -22.32 -12.75 -2.92
N MET A 89 -22.05 -14.04 -3.04
CA MET A 89 -21.03 -14.55 -3.93
C MET A 89 -21.44 -14.63 -5.40
N GLN A 90 -20.67 -13.94 -6.25
CA GLN A 90 -20.95 -13.91 -7.69
C GLN A 90 -19.71 -13.54 -8.47
N PRO A 91 -19.43 -14.29 -9.54
CA PRO A 91 -18.27 -14.02 -10.39
C PRO A 91 -18.57 -12.66 -10.99
N PHE A 92 -17.54 -11.93 -11.40
CA PHE A 92 -17.73 -10.59 -11.96
C PHE A 92 -18.80 -10.43 -13.04
N LEU A 93 -18.81 -11.32 -14.04
CA LEU A 93 -19.78 -11.20 -15.14
C LEU A 93 -21.23 -11.54 -14.74
N GLU A 94 -21.42 -12.01 -13.51
CA GLU A 94 -22.76 -12.36 -13.04
C GLU A 94 -23.28 -11.44 -11.94
N VAL A 95 -22.57 -10.37 -11.63
CA VAL A 95 -23.01 -9.44 -10.57
C VAL A 95 -24.29 -8.74 -11.03
N THR A 96 -25.30 -8.74 -10.16
CA THR A 96 -26.58 -8.12 -10.46
C THR A 96 -26.71 -6.80 -9.73
N LYS A 97 -27.63 -5.97 -10.21
CA LYS A 97 -27.88 -4.69 -9.58
C LYS A 97 -28.28 -4.92 -8.14
N GLU A 98 -29.10 -5.95 -7.92
CA GLU A 98 -29.61 -6.26 -6.59
C GLU A 98 -28.50 -6.58 -5.59
N ALA A 99 -27.57 -7.43 -5.99
CA ALA A 99 -26.46 -7.81 -5.12
C ALA A 99 -25.60 -6.61 -4.79
N PHE A 100 -25.34 -5.76 -5.78
CA PHE A 100 -24.53 -4.57 -5.57
C PHE A 100 -25.24 -3.67 -4.55
N ASP A 101 -26.50 -3.34 -4.81
CA ASP A 101 -27.25 -2.46 -3.93
C ASP A 101 -27.34 -2.98 -2.50
N ARG A 102 -27.71 -4.24 -2.33
CA ARG A 102 -27.79 -4.82 -0.99
C ARG A 102 -26.44 -4.77 -0.27
N SER A 103 -25.38 -5.17 -0.99
CA SER A 103 -24.03 -5.18 -0.44
C SER A 103 -23.56 -3.80 0.03
N PHE A 104 -23.72 -2.79 -0.81
CA PHE A 104 -23.28 -1.47 -0.41
C PHE A 104 -24.10 -0.78 0.67
N SER A 105 -25.41 -1.05 0.72
CA SER A 105 -26.22 -0.42 1.75
C SER A 105 -25.94 -1.04 3.13
N VAL A 106 -25.77 -2.35 3.19
CA VAL A 106 -25.49 -3.01 4.45
C VAL A 106 -24.04 -2.91 4.87
N ASN A 107 -23.12 -3.31 4.00
CA ASN A 107 -21.69 -3.28 4.29
C ASN A 107 -21.03 -1.90 4.41
N LEU A 108 -21.59 -0.89 3.76
CA LEU A 108 -20.93 0.40 3.82
C LEU A 108 -21.79 1.61 4.18
N ARG A 109 -22.99 1.73 3.62
CA ARG A 109 -23.82 2.88 3.93
C ARG A 109 -24.20 2.89 5.40
N SER A 110 -24.43 1.71 5.96
CA SER A 110 -24.80 1.63 7.35
C SER A 110 -23.65 2.16 8.24
N VAL A 111 -22.42 1.93 7.80
CA VAL A 111 -21.23 2.38 8.54
C VAL A 111 -21.18 3.92 8.54
N PHE A 112 -21.53 4.52 7.42
CA PHE A 112 -21.57 5.97 7.34
C PHE A 112 -22.63 6.48 8.32
N GLN A 113 -23.83 5.91 8.22
CA GLN A 113 -24.96 6.35 9.03
C GLN A 113 -24.78 6.22 10.54
N VAL A 114 -24.48 5.01 11.01
CA VAL A 114 -24.30 4.77 12.44
C VAL A 114 -23.12 5.55 13.00
N SER A 115 -22.04 5.62 12.23
CA SER A 115 -20.87 6.35 12.70
C SER A 115 -21.15 7.85 12.85
N GLN A 116 -21.97 8.40 11.97
CA GLN A 116 -22.31 9.82 12.05
C GLN A 116 -23.05 10.10 13.35
N MET A 117 -24.06 9.28 13.63
CA MET A 117 -24.86 9.43 14.85
C MET A 117 -23.99 9.35 16.09
N VAL A 118 -23.14 8.32 16.16
CA VAL A 118 -22.25 8.13 17.30
C VAL A 118 -21.22 9.24 17.46
N ALA A 119 -20.54 9.61 16.36
CA ALA A 119 -19.53 10.67 16.41
C ALA A 119 -20.14 12.02 16.81
N ARG A 120 -21.35 12.27 16.34
CA ARG A 120 -22.03 13.51 16.66
C ARG A 120 -22.23 13.58 18.19
N ASP A 121 -22.60 12.44 18.78
CA ASP A 121 -22.81 12.33 20.22
C ASP A 121 -21.51 12.51 21.01
N MET A 122 -20.46 11.81 20.61
CA MET A 122 -19.18 11.93 21.28
C MET A 122 -18.74 13.40 21.27
N ILE A 123 -18.91 14.05 20.12
CA ILE A 123 -18.51 15.44 20.00
C ILE A 123 -19.36 16.34 20.90
N ASN A 124 -20.67 16.12 20.96
CA ASN A 124 -21.56 16.92 21.81
C ASN A 124 -21.17 16.88 23.28
N ARG A 125 -20.84 15.69 23.76
CA ARG A 125 -20.46 15.47 25.14
C ARG A 125 -19.01 15.84 25.42
N GLY A 126 -18.23 16.03 24.36
CA GLY A 126 -16.83 16.40 24.48
C GLY A 126 -15.93 15.27 24.92
N VAL A 127 -16.31 14.02 24.63
CA VAL A 127 -15.51 12.89 25.04
C VAL A 127 -14.77 12.26 23.87
N PRO A 128 -13.65 11.57 24.16
CA PRO A 128 -12.90 10.92 23.10
C PRO A 128 -13.68 9.67 22.74
N GLY A 129 -13.33 9.03 21.65
CA GLY A 129 -14.06 7.83 21.26
C GLY A 129 -13.21 6.94 20.40
N SER A 130 -13.64 5.70 20.27
CA SER A 130 -12.94 4.73 19.47
C SER A 130 -13.96 3.95 18.63
N ILE A 131 -13.76 3.97 17.32
CA ILE A 131 -14.65 3.30 16.39
C ILE A 131 -13.82 2.31 15.63
N VAL A 132 -14.27 1.07 15.56
CA VAL A 132 -13.59 0.02 14.85
C VAL A 132 -14.50 -0.48 13.73
N ASN A 133 -13.99 -0.44 12.51
CA ASN A 133 -14.72 -0.91 11.35
C ASN A 133 -14.17 -2.27 11.00
N VAL A 134 -15.03 -3.29 11.07
CA VAL A 134 -14.58 -4.63 10.74
C VAL A 134 -14.56 -4.75 9.22
N SER A 135 -13.33 -4.80 8.69
CA SER A 135 -13.09 -4.90 7.25
C SER A 135 -12.69 -6.33 6.93
N SER A 136 -11.73 -6.48 6.02
CA SER A 136 -11.27 -7.82 5.64
C SER A 136 -9.93 -7.75 4.93
N MET A 137 -9.23 -8.87 4.86
CA MET A 137 -7.98 -8.87 4.13
C MET A 137 -8.33 -8.65 2.65
N VAL A 138 -9.58 -8.94 2.25
CA VAL A 138 -9.99 -8.73 0.85
C VAL A 138 -10.17 -7.25 0.46
N ALA A 139 -9.83 -6.35 1.37
CA ALA A 139 -9.85 -4.93 1.07
C ALA A 139 -8.52 -4.69 0.32
N HIS A 140 -7.63 -5.70 0.35
CA HIS A 140 -6.30 -5.64 -0.24
C HIS A 140 -5.96 -6.75 -1.24
N VAL A 141 -6.42 -7.97 -1.00
CA VAL A 141 -6.12 -9.08 -1.91
C VAL A 141 -7.41 -9.59 -2.55
N THR A 142 -7.28 -10.17 -3.74
CA THR A 142 -8.45 -10.69 -4.44
C THR A 142 -8.90 -12.03 -3.89
N PHE A 143 -10.15 -12.38 -4.14
CA PHE A 143 -10.68 -13.63 -3.64
C PHE A 143 -11.78 -14.01 -4.62
N PRO A 144 -11.73 -15.23 -5.16
CA PRO A 144 -12.74 -15.68 -6.11
C PRO A 144 -14.18 -15.54 -5.63
N ASN A 145 -15.02 -15.04 -6.54
CA ASN A 145 -16.45 -14.84 -6.33
C ASN A 145 -16.83 -13.75 -5.33
N LEU A 146 -15.85 -12.95 -4.91
CA LEU A 146 -16.13 -11.89 -3.93
C LEU A 146 -15.88 -10.49 -4.42
N ILE A 147 -15.99 -10.25 -5.72
CA ILE A 147 -15.73 -8.93 -6.24
C ILE A 147 -16.59 -7.83 -5.61
N THR A 148 -17.88 -8.09 -5.41
CA THR A 148 -18.74 -7.07 -4.83
C THR A 148 -18.39 -6.83 -3.36
N TYR A 149 -18.26 -7.90 -2.60
CA TYR A 149 -17.92 -7.82 -1.18
C TYR A 149 -16.54 -7.15 -1.01
N SER A 150 -15.56 -7.58 -1.82
CA SER A 150 -14.22 -7.02 -1.78
C SER A 150 -14.28 -5.52 -2.03
N SER A 151 -15.12 -5.09 -2.98
CA SER A 151 -15.28 -3.67 -3.30
C SER A 151 -15.79 -2.88 -2.10
N THR A 152 -16.71 -3.46 -1.35
CA THR A 152 -17.24 -2.75 -0.18
C THR A 152 -16.14 -2.60 0.87
N LYS A 153 -15.22 -3.57 0.96
CA LYS A 153 -14.14 -3.51 1.93
C LYS A 153 -13.07 -2.49 1.49
N GLY A 154 -12.80 -2.44 0.18
CA GLY A 154 -11.83 -1.48 -0.34
C GLY A 154 -12.30 -0.05 -0.07
N ALA A 155 -13.60 0.18 -0.18
CA ALA A 155 -14.17 1.49 0.09
C ALA A 155 -13.99 1.74 1.60
N MET A 156 -14.11 0.69 2.39
CA MET A 156 -13.96 0.82 3.83
C MET A 156 -12.55 1.30 4.22
N THR A 157 -11.55 0.91 3.44
CA THR A 157 -10.20 1.37 3.72
C THR A 157 -10.18 2.89 3.69
N MET A 158 -10.75 3.49 2.65
CA MET A 158 -10.78 4.95 2.57
C MET A 158 -11.75 5.58 3.57
N LEU A 159 -12.86 4.91 3.84
CA LEU A 159 -13.86 5.41 4.81
C LEU A 159 -13.13 5.58 6.15
N THR A 160 -12.34 4.58 6.52
CA THR A 160 -11.56 4.58 7.76
C THR A 160 -10.51 5.72 7.80
N LYS A 161 -9.70 5.87 6.75
CA LYS A 161 -8.72 6.95 6.73
C LYS A 161 -9.37 8.33 6.84
N ALA A 162 -10.36 8.59 5.99
CA ALA A 162 -11.06 9.88 6.00
C ALA A 162 -11.77 10.18 7.32
N MET A 163 -12.38 9.17 7.93
CA MET A 163 -13.04 9.37 9.24
C MET A 163 -11.96 9.71 10.27
N ALA A 164 -10.84 8.99 10.25
CA ALA A 164 -9.74 9.26 11.18
C ALA A 164 -9.24 10.68 10.99
N MET A 165 -9.13 11.10 9.73
CA MET A 165 -8.66 12.45 9.42
C MET A 165 -9.61 13.54 9.90
N GLU A 166 -10.91 13.37 9.66
CA GLU A 166 -11.90 14.37 10.04
C GLU A 166 -12.30 14.39 11.50
N LEU A 167 -12.26 13.24 12.15
CA LEU A 167 -12.65 13.15 13.55
C LEU A 167 -11.48 13.21 14.51
N GLY A 168 -10.27 13.08 13.99
CA GLY A 168 -9.07 13.13 14.83
C GLY A 168 -8.98 14.36 15.73
N PRO A 169 -9.31 15.55 15.24
CA PRO A 169 -9.21 16.73 16.10
C PRO A 169 -10.22 16.72 17.26
N HIS A 170 -11.21 15.83 17.19
CA HIS A 170 -12.20 15.69 18.25
C HIS A 170 -11.83 14.50 19.13
N LYS A 171 -10.58 14.06 18.97
CA LYS A 171 -10.03 12.95 19.75
C LYS A 171 -10.73 11.61 19.55
N ILE A 172 -11.33 11.42 18.39
CA ILE A 172 -12.00 10.17 18.09
C ILE A 172 -11.09 9.38 17.16
N ARG A 173 -10.77 8.15 17.56
CA ARG A 173 -9.91 7.32 16.74
C ARG A 173 -10.76 6.37 15.90
N VAL A 174 -10.30 6.06 14.69
CA VAL A 174 -11.05 5.17 13.80
C VAL A 174 -10.05 4.19 13.18
N ASN A 175 -10.30 2.90 13.35
CA ASN A 175 -9.41 1.88 12.81
C ASN A 175 -10.21 0.71 12.26
N SER A 176 -9.53 -0.19 11.57
CA SER A 176 -10.20 -1.36 11.05
C SER A 176 -9.41 -2.61 11.44
N VAL A 177 -10.11 -3.75 11.46
CA VAL A 177 -9.47 -5.04 11.67
C VAL A 177 -9.74 -5.73 10.33
N ASN A 178 -8.70 -6.36 9.79
CA ASN A 178 -8.78 -7.01 8.48
C ASN A 178 -8.43 -8.49 8.56
N PRO A 179 -9.44 -9.32 8.84
CA PRO A 179 -9.20 -10.76 8.95
C PRO A 179 -9.21 -11.59 7.66
N THR A 180 -8.60 -12.75 7.75
CA THR A 180 -8.63 -13.70 6.66
C THR A 180 -9.93 -14.48 7.00
N VAL A 181 -10.11 -15.65 6.42
CA VAL A 181 -11.28 -16.47 6.71
C VAL A 181 -11.35 -16.86 8.19
N VAL A 182 -12.52 -16.72 8.79
CA VAL A 182 -12.78 -17.10 10.18
C VAL A 182 -13.96 -18.04 9.97
N LEU A 183 -13.90 -19.24 10.53
CA LEU A 183 -14.98 -20.19 10.30
C LEU A 183 -16.34 -19.95 10.96
N THR A 184 -16.88 -18.75 10.77
CA THR A 184 -18.21 -18.42 11.27
C THR A 184 -19.11 -18.90 10.12
N ASP A 185 -20.39 -18.56 10.13
CA ASP A 185 -21.26 -18.96 9.03
C ASP A 185 -20.76 -18.35 7.73
N MET A 186 -20.19 -17.16 7.82
CA MET A 186 -19.66 -16.46 6.64
C MET A 186 -18.41 -17.11 6.08
N GLY A 187 -17.46 -17.47 6.96
CA GLY A 187 -16.24 -18.12 6.51
C GLY A 187 -16.59 -19.45 5.87
N LYS A 188 -17.51 -20.16 6.51
CA LYS A 188 -17.99 -21.45 6.02
C LYS A 188 -18.49 -21.40 4.58
N LYS A 189 -19.41 -20.47 4.29
CA LYS A 189 -19.97 -20.35 2.94
C LYS A 189 -18.93 -19.91 1.89
N VAL A 190 -18.08 -18.97 2.29
CA VAL A 190 -17.02 -18.43 1.45
C VAL A 190 -15.92 -19.44 1.09
N SER A 191 -15.75 -20.47 1.92
CA SER A 191 -14.73 -21.50 1.68
C SER A 191 -15.37 -22.89 1.62
N ALA A 192 -16.60 -22.97 1.10
CA ALA A 192 -17.34 -24.23 1.01
C ALA A 192 -16.66 -25.27 0.11
N ASP A 193 -15.90 -24.81 -0.88
CA ASP A 193 -15.19 -25.73 -1.76
C ASP A 193 -14.00 -26.28 -0.95
N PRO A 194 -13.95 -27.61 -0.73
CA PRO A 194 -12.91 -28.33 0.02
C PRO A 194 -11.49 -28.18 -0.55
N GLU A 195 -11.35 -28.42 -1.85
CA GLU A 195 -10.05 -28.29 -2.49
C GLU A 195 -9.58 -26.85 -2.42
N PHE A 196 -10.51 -25.94 -2.66
CA PHE A 196 -10.19 -24.53 -2.59
C PHE A 196 -9.73 -24.17 -1.17
N ALA A 197 -10.48 -24.62 -0.17
CA ALA A 197 -10.15 -24.34 1.21
C ALA A 197 -8.77 -24.86 1.58
N ARG A 198 -8.45 -26.08 1.14
CA ARG A 198 -7.16 -26.67 1.43
C ARG A 198 -6.03 -25.85 0.83
N LYS A 199 -6.18 -25.49 -0.44
CA LYS A 199 -5.18 -24.69 -1.12
C LYS A 199 -5.04 -23.29 -0.50
N LEU A 200 -6.16 -22.72 -0.06
CA LEU A 200 -6.19 -21.39 0.57
C LEU A 200 -5.42 -21.43 1.89
N LYS A 201 -5.69 -22.46 2.68
CA LYS A 201 -5.05 -22.67 3.97
C LYS A 201 -3.54 -22.81 3.79
N GLU A 202 -3.15 -23.61 2.82
CA GLU A 202 -1.75 -23.89 2.51
C GLU A 202 -0.96 -22.64 2.10
N ARG A 203 -1.64 -21.67 1.48
CA ARG A 203 -0.97 -20.42 1.07
C ARG A 203 -0.69 -19.50 2.26
N HIS A 204 -1.44 -19.66 3.35
CA HIS A 204 -1.22 -18.84 4.56
C HIS A 204 0.08 -19.30 5.19
N PRO A 205 1.01 -18.37 5.47
CA PRO A 205 2.30 -18.69 6.09
C PRO A 205 2.13 -19.45 7.41
N LEU A 206 1.16 -19.04 8.20
CA LEU A 206 0.88 -19.70 9.47
C LEU A 206 0.08 -21.01 9.29
N ARG A 207 -0.25 -21.34 8.04
CA ARG A 207 -0.98 -22.58 7.72
C ARG A 207 -2.29 -22.77 8.50
N LYS A 208 -3.08 -21.71 8.64
CA LYS A 208 -4.33 -21.80 9.37
C LYS A 208 -5.20 -20.60 9.03
N PHE A 209 -6.47 -20.67 9.44
CA PHE A 209 -7.40 -19.57 9.28
C PHE A 209 -7.43 -18.88 10.65
N ALA A 210 -7.98 -17.68 10.74
CA ALA A 210 -8.02 -16.97 12.01
C ALA A 210 -9.19 -17.48 12.86
N GLU A 211 -9.04 -17.39 14.18
CA GLU A 211 -10.09 -17.80 15.10
C GLU A 211 -10.91 -16.57 15.41
N VAL A 212 -12.16 -16.76 15.85
CA VAL A 212 -13.01 -15.63 16.21
C VAL A 212 -12.32 -14.81 17.31
N GLU A 213 -11.67 -15.51 18.25
CA GLU A 213 -10.99 -14.90 19.38
C GLU A 213 -9.88 -13.95 18.95
N ASP A 214 -9.19 -14.28 17.85
CA ASP A 214 -8.12 -13.45 17.35
C ASP A 214 -8.68 -12.09 16.88
N VAL A 215 -9.82 -12.13 16.19
CA VAL A 215 -10.43 -10.91 15.68
C VAL A 215 -10.92 -10.07 16.86
N VAL A 216 -11.60 -10.70 17.80
CA VAL A 216 -12.10 -10.01 18.98
C VAL A 216 -10.97 -9.35 19.75
N ASN A 217 -9.86 -10.07 19.92
CA ASN A 217 -8.71 -9.48 20.63
C ASN A 217 -8.21 -8.17 19.99
N SER A 218 -8.10 -8.11 18.66
CA SER A 218 -7.64 -6.88 18.01
C SER A 218 -8.69 -5.77 18.07
N ILE A 219 -9.97 -6.14 18.03
CA ILE A 219 -11.03 -5.14 18.13
C ILE A 219 -10.92 -4.47 19.51
N LEU A 220 -10.78 -5.29 20.55
CA LEU A 220 -10.67 -4.79 21.92
C LEU A 220 -9.43 -3.92 22.13
N PHE A 221 -8.32 -4.32 21.52
CA PHE A 221 -7.09 -3.58 21.62
C PHE A 221 -7.27 -2.19 21.03
N LEU A 222 -7.89 -2.11 19.86
CA LEU A 222 -8.12 -0.82 19.20
C LEU A 222 -9.14 0.04 19.96
N LEU A 223 -10.13 -0.60 20.59
CA LEU A 223 -11.13 0.14 21.36
C LEU A 223 -10.53 0.68 22.66
N SER A 224 -9.50 0.01 23.17
CA SER A 224 -8.88 0.41 24.43
C SER A 224 -7.92 1.60 24.32
N ASP A 225 -7.54 2.13 25.47
CA ASP A 225 -6.60 3.24 25.56
C ASP A 225 -5.17 2.72 25.40
N ARG A 226 -5.05 1.41 25.17
CA ARG A 226 -3.77 0.78 24.94
C ARG A 226 -3.30 1.07 23.51
N SER A 227 -4.19 1.67 22.70
CA SER A 227 -3.82 2.00 21.32
C SER A 227 -4.12 3.49 21.07
N ALA A 228 -3.73 4.30 22.06
CA ALA A 228 -3.94 5.75 22.05
C ALA A 228 -3.39 6.56 20.87
N SER A 229 -2.39 6.06 20.16
CA SER A 229 -1.87 6.83 19.01
C SER A 229 -2.10 6.10 17.70
N THR A 230 -3.06 5.18 17.71
CA THR A 230 -3.41 4.38 16.55
C THR A 230 -4.77 4.83 15.98
N SER A 231 -4.76 5.25 14.72
CA SER A 231 -5.98 5.69 14.05
C SER A 231 -5.70 5.86 12.56
N GLY A 232 -6.67 5.49 11.73
CA GLY A 232 -6.55 5.64 10.30
C GLY A 232 -6.20 4.42 9.49
N GLY A 233 -5.66 3.39 10.14
CA GLY A 233 -5.30 2.20 9.41
C GLY A 233 -5.97 1.00 10.01
N GLY A 234 -5.36 -0.17 9.88
CA GLY A 234 -5.95 -1.37 10.42
C GLY A 234 -4.95 -2.40 10.91
N ILE A 235 -5.46 -3.45 11.55
CA ILE A 235 -4.61 -4.53 12.02
C ILE A 235 -5.01 -5.72 11.16
N LEU A 236 -4.02 -6.34 10.54
CA LEU A 236 -4.23 -7.52 9.72
C LEU A 236 -4.31 -8.76 10.62
N VAL A 237 -5.45 -9.44 10.62
CA VAL A 237 -5.60 -10.67 11.40
C VAL A 237 -5.75 -11.71 10.28
N ASP A 238 -4.72 -11.78 9.44
CA ASP A 238 -4.73 -12.63 8.26
C ASP A 238 -3.90 -13.90 8.25
N ALA A 239 -3.34 -14.27 9.40
CA ALA A 239 -2.48 -15.45 9.51
C ALA A 239 -1.36 -15.37 8.47
N GLY A 240 -0.91 -14.15 8.21
CA GLY A 240 0.16 -13.91 7.26
C GLY A 240 -0.17 -13.91 5.77
N TYR A 241 -1.44 -14.04 5.39
CA TYR A 241 -1.83 -14.10 3.97
C TYR A 241 -1.24 -13.04 3.05
N LEU A 242 -1.21 -11.77 3.49
CA LEU A 242 -0.67 -10.70 2.66
C LEU A 242 0.83 -10.82 2.39
N ALA A 243 1.51 -11.69 3.13
CA ALA A 243 2.94 -11.93 2.94
C ALA A 243 3.17 -13.18 2.09
N SER A 244 2.11 -13.69 1.45
CA SER A 244 2.19 -14.90 0.62
C SER A 244 2.27 -14.63 -0.88
N LEU B 3 -0.85 7.41 -30.91
CA LEU B 3 -0.64 5.94 -31.04
C LEU B 3 -1.55 5.43 -32.14
N ASN B 4 -1.33 4.20 -32.61
CA ASN B 4 -2.19 3.70 -33.67
C ASN B 4 -3.33 2.84 -33.15
N PHE B 5 -4.53 3.39 -33.19
CA PHE B 5 -5.71 2.68 -32.73
C PHE B 5 -6.66 2.36 -33.87
N SER B 6 -6.18 2.49 -35.12
CA SER B 6 -6.97 2.20 -36.32
C SER B 6 -7.53 0.79 -36.29
N GLY B 7 -8.82 0.67 -36.57
CA GLY B 7 -9.45 -0.64 -36.58
C GLY B 7 -10.02 -1.05 -35.23
N LEU B 8 -9.73 -0.29 -34.19
CA LEU B 8 -10.23 -0.61 -32.85
C LEU B 8 -11.41 0.31 -32.52
N ARG B 9 -12.36 -0.20 -31.75
CA ARG B 9 -13.52 0.59 -31.35
C ARG B 9 -13.46 0.82 -29.85
N ALA B 10 -13.56 2.07 -29.43
CA ALA B 10 -13.48 2.44 -28.03
C ALA B 10 -14.77 3.05 -27.52
N LEU B 11 -15.01 2.93 -26.21
CA LEU B 11 -16.18 3.51 -25.58
C LEU B 11 -15.65 4.33 -24.40
N VAL B 12 -16.03 5.60 -24.33
CA VAL B 12 -15.57 6.46 -23.26
C VAL B 12 -16.81 6.99 -22.57
N THR B 13 -16.89 6.82 -21.25
CA THR B 13 -18.03 7.33 -20.51
C THR B 13 -17.66 8.70 -19.94
N GLY B 14 -18.65 9.54 -19.71
CA GLY B 14 -18.41 10.88 -19.20
C GLY B 14 -17.64 11.65 -20.25
N ALA B 15 -18.00 11.42 -21.51
CA ALA B 15 -17.32 12.06 -22.63
C ALA B 15 -17.67 13.51 -22.94
N GLY B 16 -18.65 14.08 -22.23
CA GLY B 16 -19.07 15.43 -22.51
C GLY B 16 -18.17 16.58 -22.12
N LYS B 17 -17.39 16.41 -21.06
CA LYS B 17 -16.50 17.45 -20.57
C LYS B 17 -15.20 16.85 -20.03
N GLY B 18 -14.28 17.75 -19.69
CA GLY B 18 -13.01 17.39 -19.10
C GLY B 18 -12.19 16.27 -19.69
N ILE B 19 -11.66 15.45 -18.79
CA ILE B 19 -10.81 14.32 -19.15
C ILE B 19 -11.46 13.42 -20.18
N GLY B 20 -12.72 13.11 -19.98
CA GLY B 20 -13.42 12.27 -20.93
C GLY B 20 -13.48 12.86 -22.34
N ARG B 21 -13.80 14.14 -22.44
CA ARG B 21 -13.90 14.79 -23.74
C ARG B 21 -12.55 14.76 -24.47
N ASP B 22 -11.47 15.07 -23.76
CA ASP B 22 -10.16 15.04 -24.40
C ASP B 22 -9.68 13.64 -24.72
N THR B 23 -10.11 12.67 -23.92
CA THR B 23 -9.74 11.27 -24.18
C THR B 23 -10.39 10.86 -25.50
N VAL B 24 -11.63 11.30 -25.73
CA VAL B 24 -12.32 10.99 -26.99
C VAL B 24 -11.55 11.61 -28.17
N LYS B 25 -11.14 12.87 -28.01
CA LYS B 25 -10.39 13.56 -29.06
C LYS B 25 -9.08 12.86 -29.38
N ALA B 26 -8.34 12.46 -28.34
CA ALA B 26 -7.07 11.79 -28.53
C ALA B 26 -7.25 10.43 -29.21
N LEU B 27 -8.27 9.68 -28.81
CA LEU B 27 -8.51 8.37 -29.42
C LEU B 27 -8.96 8.51 -30.87
N HIS B 28 -9.82 9.51 -31.11
CA HIS B 28 -10.33 9.80 -32.45
C HIS B 28 -9.14 10.18 -33.35
N ALA B 29 -8.26 11.02 -32.84
CA ALA B 29 -7.07 11.44 -33.59
C ALA B 29 -6.16 10.26 -33.90
N SER B 30 -6.21 9.22 -33.07
CA SER B 30 -5.37 8.03 -33.25
C SER B 30 -5.95 6.93 -34.16
N GLY B 31 -7.09 7.20 -34.78
CA GLY B 31 -7.69 6.24 -35.70
C GLY B 31 -8.74 5.29 -35.15
N ALA B 32 -9.12 5.45 -33.90
CA ALA B 32 -10.12 4.58 -33.29
C ALA B 32 -11.53 5.09 -33.55
N LYS B 33 -12.46 4.15 -33.65
CA LYS B 33 -13.87 4.52 -33.79
C LYS B 33 -14.23 4.73 -32.32
N VAL B 34 -14.82 5.87 -31.98
CA VAL B 34 -15.15 6.19 -30.60
C VAL B 34 -16.65 6.35 -30.30
N VAL B 35 -17.12 5.63 -29.28
CA VAL B 35 -18.51 5.73 -28.82
C VAL B 35 -18.41 6.64 -27.59
N ALA B 36 -19.04 7.80 -27.67
CA ALA B 36 -18.98 8.77 -26.58
C ALA B 36 -20.28 8.75 -25.80
N VAL B 37 -20.19 8.38 -24.53
CA VAL B 37 -21.37 8.30 -23.65
C VAL B 37 -21.32 9.41 -22.60
N THR B 38 -22.37 10.22 -22.53
CA THR B 38 -22.41 11.29 -21.56
C THR B 38 -23.84 11.66 -21.18
N ARG B 39 -23.99 12.40 -20.09
CA ARG B 39 -25.30 12.79 -19.58
C ARG B 39 -26.00 13.92 -20.33
N THR B 40 -25.29 15.01 -20.62
CA THR B 40 -25.87 16.16 -21.30
C THR B 40 -25.74 16.10 -22.81
N ASN B 41 -26.87 15.96 -23.51
CA ASN B 41 -26.86 15.86 -24.97
C ASN B 41 -26.15 16.98 -25.74
N SER B 42 -26.21 18.21 -25.25
CA SER B 42 -25.55 19.30 -25.97
C SER B 42 -24.03 19.19 -26.06
N ASP B 43 -23.43 18.48 -25.10
CA ASP B 43 -21.99 18.28 -25.10
C ASP B 43 -21.61 17.36 -26.24
N LEU B 44 -22.51 16.44 -26.58
CA LEU B 44 -22.30 15.49 -27.67
C LEU B 44 -22.43 16.18 -29.03
N VAL B 45 -23.30 17.19 -29.08
CA VAL B 45 -23.51 17.94 -30.30
C VAL B 45 -22.21 18.65 -30.66
N SER B 46 -21.64 19.40 -29.70
CA SER B 46 -20.40 20.11 -29.97
C SER B 46 -19.22 19.16 -30.22
N LEU B 47 -19.15 18.09 -29.45
CA LEU B 47 -18.08 17.11 -29.60
C LEU B 47 -18.05 16.48 -31.00
N ALA B 48 -19.23 16.24 -31.56
CA ALA B 48 -19.36 15.67 -32.89
C ALA B 48 -18.84 16.60 -33.99
N LYS B 49 -18.92 17.90 -33.76
CA LYS B 49 -18.41 18.89 -34.72
C LYS B 49 -16.87 18.81 -34.72
N GLU B 50 -16.31 18.73 -33.51
CA GLU B 50 -14.85 18.65 -33.35
C GLU B 50 -14.28 17.32 -33.78
N CYS B 51 -15.01 16.24 -33.53
CA CYS B 51 -14.56 14.90 -33.90
C CYS B 51 -15.58 14.23 -34.77
N PRO B 52 -15.67 14.63 -36.04
CA PRO B 52 -16.65 14.02 -36.94
C PRO B 52 -16.45 12.51 -37.04
N GLY B 53 -17.53 11.77 -36.80
CA GLY B 53 -17.44 10.31 -36.85
C GLY B 53 -17.67 9.61 -35.52
N ILE B 54 -17.62 10.35 -34.39
CA ILE B 54 -17.87 9.73 -33.10
C ILE B 54 -19.35 9.31 -33.06
N GLU B 55 -19.65 8.26 -32.28
CA GLU B 55 -21.01 7.76 -32.12
C GLU B 55 -21.48 8.18 -30.72
N PRO B 56 -22.35 9.20 -30.66
CA PRO B 56 -22.88 9.73 -29.40
C PRO B 56 -24.00 8.91 -28.76
N VAL B 57 -23.91 8.74 -27.44
CA VAL B 57 -24.95 8.03 -26.66
C VAL B 57 -25.20 8.91 -25.43
N CYS B 58 -26.42 9.40 -25.30
CA CYS B 58 -26.80 10.24 -24.16
C CYS B 58 -27.59 9.40 -23.16
N VAL B 59 -27.05 9.21 -21.96
CA VAL B 59 -27.73 8.43 -20.90
C VAL B 59 -27.21 8.89 -19.55
N ASP B 60 -28.01 8.68 -18.52
CA ASP B 60 -27.59 8.99 -17.16
C ASP B 60 -27.09 7.63 -16.66
N LEU B 61 -25.78 7.49 -16.52
CA LEU B 61 -25.18 6.23 -16.08
C LEU B 61 -25.56 5.79 -14.65
N GLY B 62 -26.17 6.68 -13.88
CA GLY B 62 -26.60 6.30 -12.55
C GLY B 62 -27.89 5.48 -12.58
N ASP B 63 -28.43 5.25 -13.78
CA ASP B 63 -29.67 4.50 -13.97
C ASP B 63 -29.35 3.16 -14.65
N TRP B 64 -29.43 2.08 -13.89
CA TRP B 64 -29.09 0.75 -14.40
C TRP B 64 -29.94 0.35 -15.59
N ASP B 65 -31.25 0.55 -15.50
CA ASP B 65 -32.15 0.19 -16.59
C ASP B 65 -31.96 1.00 -17.86
N ALA B 66 -31.83 2.32 -17.72
CA ALA B 66 -31.61 3.15 -18.88
C ALA B 66 -30.27 2.80 -19.54
N THR B 67 -29.25 2.55 -18.74
CA THR B 67 -27.93 2.24 -19.27
C THR B 67 -27.93 0.94 -20.08
N GLU B 68 -28.62 -0.06 -19.57
CA GLU B 68 -28.74 -1.34 -20.23
C GLU B 68 -29.39 -1.19 -21.61
N LYS B 69 -30.44 -0.38 -21.70
CA LYS B 69 -31.11 -0.17 -22.97
C LYS B 69 -30.27 0.65 -23.94
N ALA B 70 -29.63 1.69 -23.44
CA ALA B 70 -28.80 2.58 -24.25
C ALA B 70 -27.54 1.93 -24.81
N LEU B 71 -26.98 0.97 -24.07
CA LEU B 71 -25.75 0.31 -24.50
C LEU B 71 -25.84 -1.18 -24.80
N GLY B 72 -27.02 -1.77 -24.60
CA GLY B 72 -27.18 -3.19 -24.85
C GLY B 72 -26.86 -3.60 -26.28
N GLY B 73 -26.96 -2.67 -27.21
CA GLY B 73 -26.66 -2.97 -28.60
C GLY B 73 -25.65 -2.09 -29.29
N ILE B 74 -24.68 -1.50 -28.58
CA ILE B 74 -23.71 -0.63 -29.27
C ILE B 74 -22.71 -1.38 -30.15
N GLY B 75 -22.61 -2.69 -29.97
CA GLY B 75 -21.71 -3.46 -30.79
C GLY B 75 -20.32 -3.68 -30.22
N PRO B 76 -19.36 -4.12 -31.06
CA PRO B 76 -17.98 -4.38 -30.64
C PRO B 76 -17.20 -3.23 -30.05
N VAL B 77 -16.68 -3.47 -28.85
CA VAL B 77 -15.87 -2.49 -28.15
C VAL B 77 -14.58 -3.21 -27.77
N ASP B 78 -13.45 -2.60 -28.14
CA ASP B 78 -12.13 -3.16 -27.86
C ASP B 78 -11.42 -2.50 -26.72
N LEU B 79 -11.75 -1.23 -26.49
CA LEU B 79 -11.09 -0.45 -25.45
C LEU B 79 -12.19 0.26 -24.67
N LEU B 80 -12.05 0.32 -23.35
CA LEU B 80 -13.07 0.96 -22.53
C LEU B 80 -12.43 1.92 -21.54
N VAL B 81 -12.98 3.12 -21.45
CA VAL B 81 -12.50 4.09 -20.48
C VAL B 81 -13.68 4.44 -19.59
N ASN B 82 -13.66 3.94 -18.35
CA ASN B 82 -14.72 4.22 -17.38
C ASN B 82 -14.30 5.50 -16.70
N ASN B 83 -14.85 6.61 -17.19
CA ASN B 83 -14.49 7.94 -16.74
C ASN B 83 -15.55 8.78 -16.00
N ALA B 84 -16.83 8.55 -16.29
CA ALA B 84 -17.89 9.34 -15.64
C ALA B 84 -17.87 9.22 -14.12
N ALA B 85 -18.00 10.35 -13.44
CA ALA B 85 -18.04 10.40 -11.99
C ALA B 85 -18.59 11.75 -11.59
N LEU B 86 -19.10 11.83 -10.37
CA LEU B 86 -19.61 13.10 -9.86
C LEU B 86 -19.10 13.29 -8.45
N VAL B 87 -18.87 14.52 -8.06
CA VAL B 87 -18.41 14.76 -6.71
C VAL B 87 -19.45 15.58 -5.97
N ILE B 88 -19.89 15.06 -4.85
CA ILE B 88 -20.85 15.78 -4.00
C ILE B 88 -20.05 16.03 -2.72
N MET B 89 -19.59 17.26 -2.55
CA MET B 89 -18.78 17.65 -1.39
C MET B 89 -19.56 17.89 -0.11
N GLN B 90 -19.30 17.07 0.90
CA GLN B 90 -19.96 17.22 2.19
C GLN B 90 -19.05 16.69 3.29
N PRO B 91 -18.93 17.43 4.41
CA PRO B 91 -18.08 16.95 5.50
C PRO B 91 -18.72 15.65 5.99
N PHE B 92 -17.93 14.77 6.61
CA PHE B 92 -18.45 13.49 7.09
C PHE B 92 -19.75 13.56 7.88
N LEU B 93 -19.81 14.46 8.85
CA LEU B 93 -21.01 14.58 9.68
C LEU B 93 -22.26 15.08 8.96
N GLU B 94 -22.12 15.55 7.72
CA GLU B 94 -23.24 16.07 6.93
C GLU B 94 -23.55 15.23 5.71
N VAL B 95 -22.99 14.02 5.61
CA VAL B 95 -23.25 13.16 4.45
C VAL B 95 -24.70 12.65 4.53
N THR B 96 -25.44 12.75 3.42
CA THR B 96 -26.82 12.31 3.36
C THR B 96 -26.92 10.99 2.60
N LYS B 97 -28.04 10.28 2.79
CA LYS B 97 -28.31 9.02 2.10
C LYS B 97 -28.27 9.25 0.58
N GLU B 98 -28.86 10.37 0.16
CA GLU B 98 -28.95 10.76 -1.25
C GLU B 98 -27.59 10.94 -1.92
N ALA B 99 -26.70 11.66 -1.25
CA ALA B 99 -25.36 11.91 -1.77
C ALA B 99 -24.65 10.58 -1.90
N PHE B 100 -24.82 9.73 -0.89
CA PHE B 100 -24.20 8.41 -0.91
C PHE B 100 -24.72 7.60 -2.11
N ASP B 101 -26.03 7.44 -2.22
CA ASP B 101 -26.66 6.67 -3.30
C ASP B 101 -26.27 7.13 -4.70
N ARG B 102 -26.35 8.44 -4.94
CA ARG B 102 -25.98 9.00 -6.24
C ARG B 102 -24.49 8.76 -6.57
N SER B 103 -23.62 9.06 -5.61
CA SER B 103 -22.18 8.88 -5.80
C SER B 103 -21.83 7.43 -6.10
N PHE B 104 -22.41 6.47 -5.37
CA PHE B 104 -22.09 5.07 -5.65
C PHE B 104 -22.70 4.50 -6.92
N SER B 105 -23.86 5.02 -7.32
CA SER B 105 -24.52 4.56 -8.54
C SER B 105 -23.73 4.99 -9.78
N VAL B 106 -23.36 6.26 -9.81
CA VAL B 106 -22.61 6.83 -10.91
C VAL B 106 -21.13 6.43 -10.92
N ASN B 107 -20.41 6.78 -9.85
CA ASN B 107 -18.97 6.49 -9.75
C ASN B 107 -18.54 5.01 -9.67
N LEU B 108 -19.41 4.12 -9.23
CA LEU B 108 -19.01 2.72 -9.08
C LEU B 108 -19.91 1.67 -9.69
N ARG B 109 -21.22 1.78 -9.47
CA ARG B 109 -22.11 0.76 -10.01
C ARG B 109 -22.09 0.76 -11.53
N SER B 110 -22.01 1.93 -12.15
CA SER B 110 -21.99 2.03 -13.60
C SER B 110 -20.71 1.39 -14.13
N VAL B 111 -19.61 1.45 -13.37
CA VAL B 111 -18.34 0.85 -13.79
C VAL B 111 -18.48 -0.65 -13.84
N PHE B 112 -19.26 -1.22 -12.92
CA PHE B 112 -19.55 -2.65 -12.88
C PHE B 112 -20.38 -3.03 -14.15
N GLN B 113 -21.50 -2.34 -14.32
CA GLN B 113 -22.40 -2.63 -15.43
C GLN B 113 -21.80 -2.52 -16.82
N VAL B 114 -21.23 -1.35 -17.13
CA VAL B 114 -20.67 -1.16 -18.45
C VAL B 114 -19.52 -2.10 -18.71
N SER B 115 -18.68 -2.32 -17.69
CA SER B 115 -17.54 -3.22 -17.84
C SER B 115 -18.04 -4.64 -18.08
N GLN B 116 -19.14 -5.04 -17.45
CA GLN B 116 -19.68 -6.39 -17.68
C GLN B 116 -20.11 -6.53 -19.15
N MET B 117 -20.85 -5.53 -19.62
CA MET B 117 -21.36 -5.52 -21.00
C MET B 117 -20.24 -5.61 -22.01
N VAL B 118 -19.20 -4.80 -21.81
CA VAL B 118 -18.05 -4.80 -22.72
C VAL B 118 -17.19 -6.09 -22.62
N ALA B 119 -16.97 -6.60 -21.42
CA ALA B 119 -16.16 -7.81 -21.27
C ALA B 119 -16.83 -9.02 -21.92
N ARG B 120 -18.16 -9.13 -21.79
CA ARG B 120 -18.88 -10.25 -22.41
C ARG B 120 -18.62 -10.24 -23.92
N ASP B 121 -18.74 -9.06 -24.53
CA ASP B 121 -18.50 -8.88 -25.97
C ASP B 121 -17.05 -9.28 -26.36
N MET B 122 -16.07 -8.74 -25.65
CA MET B 122 -14.66 -9.06 -25.92
C MET B 122 -14.44 -10.56 -25.86
N ILE B 123 -14.93 -11.17 -24.78
CA ILE B 123 -14.81 -12.61 -24.60
C ILE B 123 -15.48 -13.37 -25.73
N ASN B 124 -16.70 -12.97 -26.09
CA ASN B 124 -17.44 -13.63 -27.16
C ASN B 124 -16.72 -13.54 -28.51
N ARG B 125 -16.13 -12.38 -28.81
CA ARG B 125 -15.42 -12.21 -30.07
C ARG B 125 -14.02 -12.81 -30.00
N GLY B 126 -13.63 -13.24 -28.82
CA GLY B 126 -12.33 -13.85 -28.63
C GLY B 126 -11.19 -12.88 -28.88
N VAL B 127 -11.37 -11.65 -28.43
CA VAL B 127 -10.33 -10.65 -28.64
C VAL B 127 -9.79 -10.17 -27.32
N PRO B 128 -8.53 -9.67 -27.32
CA PRO B 128 -7.98 -9.18 -26.06
C PRO B 128 -8.72 -7.86 -25.84
N GLY B 129 -8.50 -7.24 -24.70
CA GLY B 129 -9.17 -5.98 -24.45
C GLY B 129 -8.40 -5.26 -23.41
N SER B 130 -8.66 -3.96 -23.28
CA SER B 130 -7.98 -3.16 -22.30
C SER B 130 -9.02 -2.20 -21.79
N ILE B 131 -9.20 -2.20 -20.46
CA ILE B 131 -10.17 -1.37 -19.76
C ILE B 131 -9.42 -0.47 -18.79
N VAL B 132 -9.72 0.82 -18.82
CA VAL B 132 -9.08 1.78 -17.92
C VAL B 132 -10.15 2.43 -17.05
N ASN B 133 -9.98 2.32 -15.74
CA ASN B 133 -10.91 2.92 -14.80
C ASN B 133 -10.24 4.21 -14.30
N VAL B 134 -10.93 5.33 -14.43
CA VAL B 134 -10.37 6.60 -13.99
C VAL B 134 -10.71 6.79 -12.52
N SER B 135 -9.68 6.62 -11.71
CA SER B 135 -9.80 6.73 -10.27
C SER B 135 -9.30 8.11 -9.84
N SER B 136 -8.66 8.17 -8.69
CA SER B 136 -8.15 9.42 -8.16
C SER B 136 -7.06 9.11 -7.14
N MET B 137 -6.22 10.08 -6.83
CA MET B 137 -5.20 9.84 -5.82
C MET B 137 -5.94 9.70 -4.48
N VAL B 138 -7.17 10.19 -4.40
CA VAL B 138 -7.95 10.08 -3.16
C VAL B 138 -8.45 8.68 -2.90
N ALA B 139 -8.01 7.72 -3.70
CA ALA B 139 -8.34 6.33 -3.45
C ALA B 139 -7.32 5.91 -2.38
N HIS B 140 -6.27 6.73 -2.24
CA HIS B 140 -5.17 6.47 -1.32
C HIS B 140 -4.95 7.54 -0.24
N VAL B 141 -5.16 8.81 -0.58
CA VAL B 141 -4.95 9.90 0.37
C VAL B 141 -6.25 10.64 0.65
N THR B 142 -6.38 11.18 1.85
CA THR B 142 -7.57 11.92 2.24
C THR B 142 -7.62 13.30 1.61
N PHE B 143 -8.81 13.89 1.60
CA PHE B 143 -9.04 15.21 1.02
C PHE B 143 -10.27 15.73 1.76
N PRO B 144 -10.25 16.99 2.21
CA PRO B 144 -11.40 17.56 2.93
C PRO B 144 -12.66 17.59 2.07
N ASN B 145 -13.81 17.28 2.68
CA ASN B 145 -15.10 17.31 2.00
C ASN B 145 -15.33 16.26 0.94
N LEU B 146 -14.43 15.29 0.81
CA LEU B 146 -14.56 14.27 -0.22
C LEU B 146 -14.65 12.84 0.30
N ILE B 147 -15.15 12.64 1.52
CA ILE B 147 -15.21 11.30 2.07
C ILE B 147 -16.02 10.30 1.24
N THR B 148 -17.20 10.69 0.77
CA THR B 148 -18.04 9.80 -0.04
C THR B 148 -17.34 9.50 -1.37
N TYR B 149 -16.90 10.56 -2.06
CA TYR B 149 -16.21 10.42 -3.34
C TYR B 149 -14.96 9.53 -3.18
N SER B 150 -14.19 9.79 -2.12
CA SER B 150 -12.97 9.03 -1.81
C SER B 150 -13.30 7.57 -1.64
N SER B 151 -14.40 7.29 -0.95
CA SER B 151 -14.82 5.90 -0.72
C SER B 151 -15.19 5.23 -2.03
N THR B 152 -15.75 5.96 -3.00
CA THR B 152 -16.09 5.31 -4.26
C THR B 152 -14.78 4.95 -4.97
N LYS B 153 -13.78 5.81 -4.87
CA LYS B 153 -12.49 5.57 -5.50
C LYS B 153 -11.72 4.46 -4.76
N GLY B 154 -11.88 4.39 -3.44
CA GLY B 154 -11.24 3.35 -2.67
C GLY B 154 -11.79 2.00 -3.12
N ALA B 155 -13.10 1.96 -3.35
CA ALA B 155 -13.75 0.73 -3.81
C ALA B 155 -13.24 0.39 -5.21
N MET B 156 -12.97 1.41 -6.02
CA MET B 156 -12.48 1.21 -7.38
C MET B 156 -11.13 0.46 -7.42
N THR B 157 -10.28 0.71 -6.44
CA THR B 157 -8.97 0.06 -6.36
C THR B 157 -9.16 -1.46 -6.33
N MET B 158 -10.03 -1.96 -5.47
CA MET B 158 -10.29 -3.39 -5.40
C MET B 158 -11.09 -3.91 -6.60
N LEU B 159 -11.97 -3.07 -7.16
CA LEU B 159 -12.75 -3.44 -8.33
C LEU B 159 -11.73 -3.69 -9.45
N THR B 160 -10.78 -2.76 -9.59
CA THR B 160 -9.74 -2.86 -10.63
C THR B 160 -8.90 -4.13 -10.46
N LYS B 161 -8.48 -4.38 -9.22
CA LYS B 161 -7.65 -5.53 -8.93
C LYS B 161 -8.41 -6.85 -9.20
N ALA B 162 -9.63 -6.94 -8.68
CA ALA B 162 -10.47 -8.12 -8.85
C ALA B 162 -10.84 -8.38 -10.32
N MET B 163 -11.13 -7.31 -11.06
CA MET B 163 -11.45 -7.46 -12.48
C MET B 163 -10.22 -7.99 -13.23
N ALA B 164 -9.04 -7.47 -12.88
CA ALA B 164 -7.82 -7.93 -13.52
C ALA B 164 -7.60 -9.42 -13.24
N MET B 165 -7.88 -9.85 -12.01
CA MET B 165 -7.72 -11.26 -11.64
C MET B 165 -8.72 -12.15 -12.38
N GLU B 166 -9.97 -11.71 -12.47
CA GLU B 166 -11.01 -12.49 -13.14
C GLU B 166 -10.99 -12.49 -14.67
N LEU B 167 -10.61 -11.38 -15.26
CA LEU B 167 -10.59 -11.24 -16.70
C LEU B 167 -9.23 -11.54 -17.35
N GLY B 168 -8.20 -11.63 -16.54
CA GLY B 168 -6.86 -11.89 -17.06
C GLY B 168 -6.76 -13.15 -17.90
N PRO B 169 -7.40 -14.25 -17.48
CA PRO B 169 -7.34 -15.49 -18.27
C PRO B 169 -7.99 -15.33 -19.65
N HIS B 170 -8.78 -14.28 -19.81
CA HIS B 170 -9.45 -13.98 -21.08
C HIS B 170 -8.67 -12.93 -21.87
N LYS B 171 -7.44 -12.69 -21.44
CA LYS B 171 -6.54 -11.74 -22.09
C LYS B 171 -7.01 -10.30 -22.03
N ILE B 172 -7.80 -9.97 -21.02
CA ILE B 172 -8.29 -8.62 -20.86
C ILE B 172 -7.52 -7.98 -19.71
N ARG B 173 -6.97 -6.79 -19.97
CA ARG B 173 -6.20 -6.06 -18.99
C ARG B 173 -7.08 -4.96 -18.41
N VAL B 174 -6.97 -4.72 -17.11
CA VAL B 174 -7.78 -3.69 -16.44
C VAL B 174 -6.84 -2.87 -15.54
N ASN B 175 -6.81 -1.55 -15.70
CA ASN B 175 -5.91 -0.74 -14.89
C ASN B 175 -6.61 0.56 -14.53
N SER B 176 -6.03 1.34 -13.63
CA SER B 176 -6.61 2.63 -13.28
C SER B 176 -5.59 3.74 -13.44
N VAL B 177 -6.08 4.96 -13.57
CA VAL B 177 -5.22 6.14 -13.62
C VAL B 177 -5.69 6.92 -12.37
N ASN B 178 -4.74 7.39 -11.57
CA ASN B 178 -5.06 8.08 -10.31
C ASN B 178 -4.46 9.47 -10.25
N PRO B 179 -5.15 10.45 -10.84
CA PRO B 179 -4.65 11.82 -10.84
C PRO B 179 -4.87 12.61 -9.56
N THR B 180 -4.13 13.71 -9.45
CA THR B 180 -4.29 14.66 -8.36
C THR B 180 -5.34 15.62 -8.96
N VAL B 181 -5.43 16.83 -8.42
CA VAL B 181 -6.35 17.83 -8.94
C VAL B 181 -5.96 18.19 -10.39
N VAL B 182 -6.98 18.27 -11.25
CA VAL B 182 -6.83 18.62 -12.67
C VAL B 182 -7.93 19.68 -12.83
N LEU B 183 -7.57 20.89 -13.22
CA LEU B 183 -8.53 21.99 -13.34
C LEU B 183 -9.65 21.95 -14.39
N THR B 184 -10.42 20.87 -14.37
CA THR B 184 -11.59 20.76 -15.25
C THR B 184 -12.68 21.37 -14.36
N ASP B 185 -13.95 21.17 -14.70
CA ASP B 185 -15.01 21.71 -13.88
C ASP B 185 -14.94 21.10 -12.48
N MET B 186 -14.66 19.80 -12.43
CA MET B 186 -14.56 19.09 -11.16
C MET B 186 -13.38 19.55 -10.30
N GLY B 187 -12.23 19.76 -10.95
CA GLY B 187 -11.05 20.20 -10.22
C GLY B 187 -11.21 21.58 -9.60
N LYS B 188 -11.74 22.52 -10.37
CA LYS B 188 -11.95 23.88 -9.90
C LYS B 188 -12.93 23.92 -8.72
N LYS B 189 -13.95 23.09 -8.79
CA LYS B 189 -14.97 22.99 -7.75
C LYS B 189 -14.36 22.49 -6.43
N VAL B 190 -13.55 21.45 -6.55
CA VAL B 190 -12.92 20.84 -5.41
C VAL B 190 -11.81 21.69 -4.78
N SER B 191 -11.20 22.56 -5.57
CA SER B 191 -10.13 23.41 -5.05
C SER B 191 -10.55 24.87 -4.96
N ALA B 192 -11.86 25.08 -4.82
CA ALA B 192 -12.46 26.41 -4.75
C ALA B 192 -11.82 27.42 -3.77
N ASP B 193 -11.54 26.97 -2.56
CA ASP B 193 -10.91 27.82 -1.54
C ASP B 193 -9.46 28.13 -1.95
N PRO B 194 -9.16 29.40 -2.26
CA PRO B 194 -7.83 29.87 -2.67
C PRO B 194 -6.70 29.54 -1.71
N GLU B 195 -6.96 29.74 -0.42
CA GLU B 195 -5.96 29.45 0.61
C GLU B 195 -5.66 27.97 0.60
N PHE B 196 -6.72 27.16 0.54
CA PHE B 196 -6.60 25.73 0.50
C PHE B 196 -5.85 25.30 -0.75
N ALA B 197 -6.20 25.89 -1.89
CA ALA B 197 -5.56 25.55 -3.16
C ALA B 197 -4.08 25.88 -3.13
N ARG B 198 -3.72 27.00 -2.51
CA ARG B 198 -2.32 27.43 -2.42
C ARG B 198 -1.54 26.41 -1.60
N LYS B 199 -2.07 26.07 -0.43
CA LYS B 199 -1.45 25.11 0.45
C LYS B 199 -1.35 23.73 -0.19
N LEU B 200 -2.39 23.34 -0.89
CA LEU B 200 -2.44 22.04 -1.56
C LEU B 200 -1.35 21.96 -2.61
N LYS B 201 -1.26 23.00 -3.45
CA LYS B 201 -0.26 23.02 -4.50
C LYS B 201 1.15 22.95 -3.93
N GLU B 202 1.38 23.72 -2.87
CA GLU B 202 2.66 23.77 -2.21
C GLU B 202 3.10 22.40 -1.66
N ARG B 203 2.15 21.57 -1.28
CA ARG B 203 2.48 20.25 -0.75
C ARG B 203 2.96 19.31 -1.86
N HIS B 204 2.52 19.54 -3.10
CA HIS B 204 2.94 18.70 -4.23
C HIS B 204 4.42 18.88 -4.53
N PRO B 205 5.19 17.79 -4.60
CA PRO B 205 6.63 17.90 -4.88
C PRO B 205 6.92 18.68 -6.19
N LEU B 206 6.09 18.49 -7.21
CA LEU B 206 6.29 19.17 -8.48
C LEU B 206 5.72 20.59 -8.47
N ARG B 207 5.10 20.97 -7.34
CA ARG B 207 4.55 22.31 -7.15
C ARG B 207 3.53 22.72 -8.21
N LYS B 208 2.70 21.78 -8.63
CA LYS B 208 1.69 22.05 -9.65
C LYS B 208 0.62 20.97 -9.56
N PHE B 209 -0.49 21.18 -10.26
CA PHE B 209 -1.54 20.19 -10.33
C PHE B 209 -1.31 19.54 -11.68
N ALA B 210 -2.05 18.48 -11.98
CA ALA B 210 -1.89 17.80 -13.24
C ALA B 210 -2.69 18.48 -14.34
N GLU B 211 -2.26 18.30 -15.58
CA GLU B 211 -2.96 18.84 -16.73
C GLU B 211 -3.82 17.71 -17.29
N VAL B 212 -4.89 18.08 -18.00
CA VAL B 212 -5.77 17.09 -18.59
C VAL B 212 -4.93 16.19 -19.49
N GLU B 213 -4.04 16.79 -20.27
CA GLU B 213 -3.18 16.05 -21.17
C GLU B 213 -2.38 14.94 -20.48
N ASP B 214 -1.90 15.21 -19.26
CA ASP B 214 -1.10 14.22 -18.52
C ASP B 214 -1.94 13.00 -18.21
N VAL B 215 -3.20 13.21 -17.87
CA VAL B 215 -4.08 12.09 -17.57
C VAL B 215 -4.36 11.31 -18.84
N VAL B 216 -4.72 12.04 -19.91
CA VAL B 216 -5.02 11.40 -21.18
C VAL B 216 -3.84 10.56 -21.68
N ASN B 217 -2.61 11.06 -21.54
CA ASN B 217 -1.42 10.31 -21.98
C ASN B 217 -1.33 8.95 -21.28
N SER B 218 -1.57 8.94 -19.97
CA SER B 218 -1.51 7.71 -19.19
C SER B 218 -2.62 6.75 -19.58
N ILE B 219 -3.82 7.28 -19.84
CA ILE B 219 -4.92 6.44 -20.27
C ILE B 219 -4.57 5.73 -21.60
N LEU B 220 -4.06 6.48 -22.59
CA LEU B 220 -3.71 5.89 -23.89
C LEU B 220 -2.58 4.87 -23.75
N PHE B 221 -1.62 5.15 -22.87
CA PHE B 221 -0.54 4.21 -22.65
C PHE B 221 -1.10 2.88 -22.16
N LEU B 222 -2.02 2.94 -21.20
CA LEU B 222 -2.64 1.75 -20.62
C LEU B 222 -3.53 1.04 -21.62
N LEU B 223 -4.19 1.79 -22.51
CA LEU B 223 -5.06 1.17 -23.50
C LEU B 223 -4.24 0.48 -24.59
N SER B 224 -3.05 1.00 -24.88
CA SER B 224 -2.17 0.47 -25.92
C SER B 224 -1.45 -0.85 -25.59
N ASP B 225 -0.86 -1.44 -26.63
CA ASP B 225 -0.11 -2.68 -26.49
C ASP B 225 1.30 -2.44 -25.95
N ARG B 226 1.63 -1.19 -25.65
CA ARG B 226 2.93 -0.85 -25.07
C ARG B 226 2.94 -1.09 -23.55
N SER B 227 1.80 -1.52 -23.00
CA SER B 227 1.70 -1.81 -21.58
C SER B 227 1.11 -3.22 -21.47
N ALA B 228 1.58 -4.10 -22.35
CA ALA B 228 1.08 -5.46 -22.45
C ALA B 228 1.17 -6.40 -21.23
N SER B 229 1.95 -6.04 -20.22
CA SER B 229 2.04 -6.85 -18.99
C SER B 229 1.64 -6.04 -17.77
N THR B 230 0.83 -5.01 -17.99
CA THR B 230 0.39 -4.18 -16.89
C THR B 230 -1.11 -4.36 -16.71
N SER B 231 -1.50 -4.88 -15.55
CA SER B 231 -2.91 -5.10 -15.25
C SER B 231 -3.12 -5.28 -13.74
N GLY B 232 -4.18 -4.66 -13.22
CA GLY B 232 -4.52 -4.78 -11.83
C GLY B 232 -4.18 -3.63 -10.90
N GLY B 233 -3.30 -2.75 -11.33
CA GLY B 233 -2.92 -1.64 -10.50
C GLY B 233 -3.21 -0.36 -11.24
N GLY B 234 -2.45 0.69 -10.93
CA GLY B 234 -2.68 1.95 -11.60
C GLY B 234 -1.43 2.80 -11.76
N ILE B 235 -1.59 3.93 -12.45
CA ILE B 235 -0.51 4.87 -12.64
C ILE B 235 -0.93 6.15 -11.93
N LEU B 236 -0.07 6.65 -11.05
CA LEU B 236 -0.34 7.89 -10.35
C LEU B 236 0.05 9.09 -11.21
N VAL B 237 -0.91 9.99 -11.41
CA VAL B 237 -0.68 11.20 -12.18
C VAL B 237 -0.97 12.25 -11.11
N ASP B 238 -0.25 12.13 -10.00
CA ASP B 238 -0.45 12.98 -8.84
C ASP B 238 0.56 14.09 -8.61
N ALA B 239 1.45 14.31 -9.58
CA ALA B 239 2.50 15.33 -9.50
C ALA B 239 3.29 15.14 -8.20
N GLY B 240 3.49 13.88 -7.82
CA GLY B 240 4.23 13.52 -6.61
C GLY B 240 3.52 13.59 -5.26
N TYR B 241 2.21 13.87 -5.25
CA TYR B 241 1.49 14.01 -3.98
C TYR B 241 1.66 12.88 -2.95
N LEU B 242 1.58 11.63 -3.40
CA LEU B 242 1.72 10.52 -2.48
C LEU B 242 3.12 10.46 -1.88
N ALA B 243 4.05 11.23 -2.44
CA ALA B 243 5.40 11.26 -1.92
C ALA B 243 5.59 12.42 -0.96
N SER B 244 4.52 13.17 -0.67
CA SER B 244 4.57 14.32 0.23
C SER B 244 4.20 14.01 1.67
N LEU C 3 9.70 7.14 -29.47
CA LEU C 3 9.52 8.53 -28.95
C LEU C 3 10.68 9.33 -29.50
N ASN C 4 10.82 10.58 -29.05
CA ASN C 4 11.94 11.40 -29.51
C ASN C 4 12.75 11.94 -28.35
N PHE C 5 13.98 11.47 -28.25
CA PHE C 5 14.90 11.87 -27.21
C PHE C 5 16.11 12.57 -27.83
N SER C 6 15.93 13.07 -29.06
CA SER C 6 16.99 13.78 -29.78
C SER C 6 17.44 14.95 -28.94
N GLY C 7 18.75 15.13 -28.83
CA GLY C 7 19.27 16.24 -28.06
C GLY C 7 19.39 15.97 -26.57
N LEU C 8 18.97 14.79 -26.14
CA LEU C 8 19.02 14.38 -24.74
C LEU C 8 20.13 13.36 -24.54
N ARG C 9 20.72 13.34 -23.35
CA ARG C 9 21.78 12.39 -23.08
C ARG C 9 21.31 11.55 -21.91
N ALA C 10 21.40 10.24 -22.09
CA ALA C 10 20.93 9.30 -21.09
C ALA C 10 22.04 8.42 -20.54
N LEU C 11 21.89 8.01 -19.28
CA LEU C 11 22.86 7.13 -18.64
C LEU C 11 22.09 5.89 -18.18
N VAL C 12 22.56 4.72 -18.60
CA VAL C 12 21.92 3.45 -18.25
C VAL C 12 22.94 2.55 -17.58
N THR C 13 22.69 2.16 -16.32
CA THR C 13 23.59 1.27 -15.59
C THR C 13 23.14 -0.17 -15.84
N GLY C 14 24.07 -1.12 -15.72
CA GLY C 14 23.74 -2.52 -15.97
C GLY C 14 23.37 -2.68 -17.45
N ALA C 15 24.06 -1.95 -18.31
CA ALA C 15 23.79 -1.97 -19.75
C ALA C 15 24.31 -3.15 -20.56
N GLY C 16 25.11 -4.02 -19.97
CA GLY C 16 25.67 -5.13 -20.72
C GLY C 16 24.75 -6.27 -21.10
N LYS C 17 23.71 -6.51 -20.31
CA LYS C 17 22.80 -7.61 -20.59
C LYS C 17 21.35 -7.25 -20.28
N GLY C 18 20.44 -8.15 -20.62
CA GLY C 18 19.02 -7.99 -20.36
C GLY C 18 18.30 -6.67 -20.58
N ILE C 19 17.57 -6.24 -19.56
CA ILE C 19 16.78 -5.02 -19.60
C ILE C 19 17.61 -3.79 -19.93
N GLY C 20 18.74 -3.63 -19.25
CA GLY C 20 19.59 -2.48 -19.50
C GLY C 20 20.09 -2.39 -20.93
N ARG C 21 20.51 -3.52 -21.51
CA ARG C 21 21.04 -3.52 -22.86
C ARG C 21 19.96 -3.07 -23.86
N ASP C 22 18.77 -3.63 -23.72
CA ASP C 22 17.66 -3.29 -24.60
C ASP C 22 17.18 -1.86 -24.37
N THR C 23 17.40 -1.33 -23.17
CA THR C 23 17.01 0.04 -22.87
C THR C 23 17.98 0.97 -23.60
N VAL C 24 19.25 0.60 -23.66
CA VAL C 24 20.26 1.39 -24.35
C VAL C 24 19.93 1.38 -25.85
N LYS C 25 19.56 0.22 -26.36
CA LYS C 25 19.21 0.10 -27.77
C LYS C 25 17.99 0.91 -28.14
N ALA C 26 16.97 0.92 -27.27
CA ALA C 26 15.73 1.67 -27.53
C ALA C 26 15.98 3.18 -27.48
N LEU C 27 16.79 3.61 -26.51
CA LEU C 27 17.10 5.02 -26.36
C LEU C 27 17.97 5.48 -27.51
N HIS C 28 18.90 4.63 -27.92
CA HIS C 28 19.80 4.94 -29.04
C HIS C 28 18.99 5.14 -30.33
N ALA C 29 17.99 4.27 -30.55
CA ALA C 29 17.14 4.37 -31.72
C ALA C 29 16.25 5.62 -31.69
N SER C 30 15.95 6.13 -30.49
CA SER C 30 15.11 7.32 -30.36
C SER C 30 15.87 8.64 -30.41
N GLY C 31 17.14 8.58 -30.80
CA GLY C 31 17.94 9.79 -30.91
C GLY C 31 18.74 10.24 -29.69
N ALA C 32 18.64 9.50 -28.58
CA ALA C 32 19.37 9.89 -27.39
C ALA C 32 20.84 9.49 -27.47
N LYS C 33 21.68 10.36 -26.92
CA LYS C 33 23.12 10.09 -26.82
C LYS C 33 23.15 9.20 -25.57
N VAL C 34 23.73 8.02 -25.63
CA VAL C 34 23.69 7.13 -24.47
C VAL C 34 25.03 6.75 -23.85
N VAL C 35 25.10 6.86 -22.51
CA VAL C 35 26.28 6.46 -21.74
C VAL C 35 25.87 5.08 -21.19
N ALA C 36 26.60 4.04 -21.58
CA ALA C 36 26.29 2.68 -21.16
C ALA C 36 27.29 2.20 -20.10
N VAL C 37 26.83 2.05 -18.86
CA VAL C 37 27.67 1.64 -17.75
C VAL C 37 27.40 0.18 -17.38
N THR C 38 28.44 -0.65 -17.31
CA THR C 38 28.24 -2.05 -16.93
C THR C 38 29.54 -2.70 -16.42
N ARG C 39 29.43 -3.88 -15.84
CA ARG C 39 30.56 -4.57 -15.25
C ARG C 39 31.54 -5.33 -16.16
N THR C 40 31.03 -5.99 -17.19
CA THR C 40 31.87 -6.77 -18.09
C THR C 40 32.15 -5.99 -19.38
N ASN C 41 33.42 -5.71 -19.63
CA ASN C 41 33.79 -4.92 -20.79
C ASN C 41 33.40 -5.50 -22.13
N SER C 42 33.52 -6.82 -22.28
CA SER C 42 33.16 -7.44 -23.54
C SER C 42 31.70 -7.16 -23.93
N ASP C 43 30.84 -6.94 -22.94
CA ASP C 43 29.42 -6.62 -23.19
C ASP C 43 29.34 -5.24 -23.83
N LEU C 44 30.26 -4.35 -23.45
CA LEU C 44 30.28 -3.01 -24.02
C LEU C 44 30.87 -3.01 -25.43
N VAL C 45 31.78 -3.96 -25.69
CA VAL C 45 32.42 -4.07 -27.00
C VAL C 45 31.38 -4.44 -28.07
N SER C 46 30.58 -5.46 -27.79
CA SER C 46 29.56 -5.90 -28.74
C SER C 46 28.46 -4.85 -28.88
N LEU C 47 28.09 -4.23 -27.77
CA LEU C 47 27.06 -3.21 -27.77
C LEU C 47 27.44 -1.99 -28.63
N ALA C 48 28.69 -1.55 -28.54
CA ALA C 48 29.13 -0.41 -29.35
C ALA C 48 29.11 -0.75 -30.85
N LYS C 49 29.23 -2.03 -31.17
CA LYS C 49 29.18 -2.47 -32.56
C LYS C 49 27.74 -2.44 -33.02
N GLU C 50 26.81 -2.73 -32.12
CA GLU C 50 25.38 -2.73 -32.45
C GLU C 50 24.78 -1.35 -32.46
N CYS C 51 25.26 -0.48 -31.57
CA CYS C 51 24.75 0.88 -31.47
C CYS C 51 25.93 1.83 -31.53
N PRO C 52 26.41 2.14 -32.74
CA PRO C 52 27.55 3.04 -32.93
C PRO C 52 27.28 4.41 -32.32
N GLY C 53 28.22 4.92 -31.53
CA GLY C 53 28.02 6.23 -30.94
C GLY C 53 27.72 6.26 -29.45
N ILE C 54 27.54 5.10 -28.83
CA ILE C 54 27.27 5.08 -27.39
C ILE C 54 28.62 5.28 -26.69
N GLU C 55 28.57 5.73 -25.44
CA GLU C 55 29.76 5.96 -24.63
C GLU C 55 29.86 4.87 -23.56
N PRO C 56 30.72 3.88 -23.78
CA PRO C 56 30.86 2.80 -22.81
C PRO C 56 31.71 3.20 -21.61
N VAL C 57 31.32 2.70 -20.44
CA VAL C 57 32.02 2.95 -19.18
C VAL C 57 31.97 1.62 -18.44
N CYS C 58 33.13 1.00 -18.26
CA CYS C 58 33.22 -0.27 -17.56
C CYS C 58 33.61 -0.02 -16.11
N VAL C 59 32.76 -0.43 -15.18
CA VAL C 59 33.01 -0.24 -13.75
C VAL C 59 32.11 -1.15 -12.90
N ASP C 60 32.60 -1.47 -11.71
CA ASP C 60 31.84 -2.28 -10.77
C ASP C 60 31.14 -1.24 -9.90
N LEU C 61 29.82 -1.09 -10.08
CA LEU C 61 29.04 -0.11 -9.32
C LEU C 61 28.96 -0.42 -7.83
N GLY C 62 29.49 -1.57 -7.43
CA GLY C 62 29.49 -1.93 -6.02
C GLY C 62 30.68 -1.27 -5.32
N ASP C 63 31.58 -0.70 -6.10
CA ASP C 63 32.77 -0.04 -5.59
C ASP C 63 32.53 1.47 -5.69
N TRP C 64 32.32 2.09 -4.53
CA TRP C 64 32.04 3.51 -4.46
C TRP C 64 33.14 4.38 -5.07
N ASP C 65 34.39 4.10 -4.72
CA ASP C 65 35.52 4.89 -5.24
C ASP C 65 35.68 4.75 -6.73
N ALA C 66 35.60 3.50 -7.21
CA ALA C 66 35.74 3.23 -8.62
C ALA C 66 34.63 3.95 -9.38
N THR C 67 33.40 3.87 -8.85
CA THR C 67 32.25 4.51 -9.49
C THR C 67 32.44 6.03 -9.57
N GLU C 68 32.98 6.62 -8.51
CA GLU C 68 33.21 8.06 -8.47
C GLU C 68 34.25 8.48 -9.51
N LYS C 69 35.31 7.68 -9.63
CA LYS C 69 36.36 7.97 -10.61
C LYS C 69 35.85 7.77 -12.04
N ALA C 70 35.03 6.75 -12.25
CA ALA C 70 34.50 6.45 -13.58
C ALA C 70 33.42 7.40 -14.09
N LEU C 71 32.53 7.83 -13.21
CA LEU C 71 31.42 8.69 -13.62
C LEU C 71 31.51 10.12 -13.18
N GLY C 72 32.42 10.40 -12.25
CA GLY C 72 32.60 11.76 -11.75
C GLY C 72 32.59 12.83 -12.81
N GLY C 73 33.17 12.54 -13.97
CA GLY C 73 33.19 13.52 -15.03
C GLY C 73 32.56 13.15 -16.36
N ILE C 74 31.45 12.39 -16.38
CA ILE C 74 30.85 12.04 -17.67
C ILE C 74 30.09 13.16 -18.37
N GLY C 75 29.86 14.28 -17.68
CA GLY C 75 29.16 15.37 -18.33
C GLY C 75 27.66 15.40 -18.09
N PRO C 76 26.94 16.24 -18.82
CA PRO C 76 25.48 16.41 -18.72
C PRO C 76 24.64 15.16 -18.98
N VAL C 77 23.77 14.83 -18.03
CA VAL C 77 22.87 13.68 -18.16
C VAL C 77 21.45 14.21 -17.92
N ASP C 78 20.56 13.96 -18.87
CA ASP C 78 19.19 14.41 -18.81
C ASP C 78 18.23 13.31 -18.38
N LEU C 79 18.61 12.07 -18.66
CA LEU C 79 17.79 10.91 -18.34
C LEU C 79 18.67 9.85 -17.69
N LEU C 80 18.18 9.26 -16.60
CA LEU C 80 18.96 8.24 -15.90
C LEU C 80 18.12 7.00 -15.64
N VAL C 81 18.67 5.84 -15.97
CA VAL C 81 17.99 4.58 -15.71
C VAL C 81 18.89 3.78 -14.76
N ASN C 82 18.50 3.68 -13.49
CA ASN C 82 19.25 2.91 -12.50
C ASN C 82 18.75 1.48 -12.63
N ASN C 83 19.48 0.69 -13.38
CA ASN C 83 19.09 -0.67 -13.70
C ASN C 83 19.95 -1.80 -13.14
N ALA C 84 21.23 -1.56 -12.92
CA ALA C 84 22.09 -2.63 -12.40
C ALA C 84 21.64 -3.20 -11.06
N ALA C 85 21.66 -4.53 -10.97
CA ALA C 85 21.31 -5.22 -9.74
C ALA C 85 21.78 -6.64 -9.86
N LEU C 86 21.87 -7.33 -8.73
CA LEU C 86 22.28 -8.73 -8.72
C LEU C 86 21.44 -9.53 -7.75
N VAL C 87 21.20 -10.80 -8.06
CA VAL C 87 20.43 -11.65 -7.18
C VAL C 87 21.30 -12.73 -6.53
N ILE C 88 21.36 -12.75 -5.20
CA ILE C 88 22.08 -13.80 -4.49
C ILE C 88 20.99 -14.52 -3.71
N MET C 89 20.56 -15.65 -4.26
CA MET C 89 19.48 -16.45 -3.69
C MET C 89 19.90 -17.29 -2.50
N GLN C 90 19.23 -17.07 -1.39
CA GLN C 90 19.51 -17.80 -0.16
C GLN C 90 18.29 -17.69 0.74
N PRO C 91 17.90 -18.80 1.38
CA PRO C 91 16.76 -18.83 2.29
C PRO C 91 17.17 -17.90 3.44
N PHE C 92 16.20 -17.34 4.17
CA PHE C 92 16.50 -16.43 5.27
C PHE C 92 17.54 -16.93 6.28
N LEU C 93 17.38 -18.16 6.74
CA LEU C 93 18.30 -18.71 7.73
C LEU C 93 19.72 -18.95 7.22
N GLU C 94 19.94 -18.78 5.92
CA GLU C 94 21.27 -18.97 5.35
C GLU C 94 21.88 -17.70 4.78
N VAL C 95 21.25 -16.56 5.00
CA VAL C 95 21.80 -15.30 4.49
C VAL C 95 23.14 -15.03 5.14
N THR C 96 24.13 -14.69 4.33
CA THR C 96 25.47 -14.41 4.86
C THR C 96 25.75 -12.94 4.83
N LYS C 97 26.75 -12.54 5.60
CA LYS C 97 27.17 -11.16 5.67
C LYS C 97 27.58 -10.69 4.26
N GLU C 98 28.35 -11.50 3.55
CA GLU C 98 28.81 -11.13 2.21
C GLU C 98 27.65 -10.88 1.25
N ALA C 99 26.65 -11.76 1.28
CA ALA C 99 25.48 -11.62 0.40
C ALA C 99 24.77 -10.30 0.67
N PHE C 100 24.54 -10.00 1.95
CA PHE C 100 23.87 -8.77 2.30
C PHE C 100 24.71 -7.57 1.81
N ASP C 101 26.00 -7.55 2.16
CA ASP C 101 26.87 -6.44 1.77
C ASP C 101 26.93 -6.22 0.27
N ARG C 102 27.20 -7.28 -0.49
CA ARG C 102 27.26 -7.13 -1.94
C ARG C 102 25.90 -6.64 -2.50
N SER C 103 24.80 -7.26 -2.06
CA SER C 103 23.46 -6.88 -2.52
C SER C 103 23.09 -5.42 -2.27
N PHE C 104 23.35 -4.90 -1.08
CA PHE C 104 23.01 -3.51 -0.83
C PHE C 104 23.94 -2.52 -1.51
N SER C 105 25.19 -2.93 -1.70
CA SER C 105 26.17 -2.06 -2.34
C SER C 105 25.81 -1.84 -3.80
N VAL C 106 25.54 -2.94 -4.50
CA VAL C 106 25.19 -2.88 -5.91
C VAL C 106 23.74 -2.45 -6.16
N ASN C 107 22.78 -3.13 -5.53
CA ASN C 107 21.35 -2.84 -5.71
C ASN C 107 20.82 -1.51 -5.18
N LEU C 108 21.45 -0.97 -4.15
CA LEU C 108 20.93 0.28 -3.58
C LEU C 108 21.92 1.41 -3.40
N ARG C 109 23.11 1.12 -2.87
CA ARG C 109 24.08 2.20 -2.65
C ARG C 109 24.49 2.89 -3.94
N SER C 110 24.63 2.13 -5.01
CA SER C 110 25.01 2.71 -6.31
C SER C 110 23.91 3.62 -6.82
N VAL C 111 22.65 3.30 -6.49
CA VAL C 111 21.52 4.13 -6.92
C VAL C 111 21.61 5.51 -6.24
N PHE C 112 22.01 5.54 -4.96
CA PHE C 112 22.17 6.81 -4.25
C PHE C 112 23.27 7.61 -4.93
N GLN C 113 24.43 6.97 -5.10
CA GLN C 113 25.60 7.63 -5.68
C GLN C 113 25.42 8.20 -7.07
N VAL C 114 25.06 7.35 -8.03
CA VAL C 114 24.89 7.83 -9.40
C VAL C 114 23.79 8.88 -9.50
N SER C 115 22.70 8.67 -8.77
CA SER C 115 21.60 9.61 -8.77
C SER C 115 22.02 10.95 -8.22
N GLN C 116 22.84 10.99 -7.18
CA GLN C 116 23.23 12.30 -6.68
C GLN C 116 24.16 13.02 -7.64
N MET C 117 25.02 12.27 -8.34
CA MET C 117 25.93 12.89 -9.29
C MET C 117 25.11 13.47 -10.44
N VAL C 118 24.16 12.69 -10.94
CA VAL C 118 23.32 13.13 -12.05
C VAL C 118 22.39 14.29 -11.67
N ALA C 119 21.75 14.21 -10.51
CA ALA C 119 20.85 15.28 -10.07
C ALA C 119 21.58 16.59 -9.82
N ARG C 120 22.80 16.52 -9.26
CA ARG C 120 23.58 17.74 -9.02
C ARG C 120 23.78 18.45 -10.35
N ASP C 121 24.15 17.68 -11.36
CA ASP C 121 24.36 18.20 -12.72
C ASP C 121 23.10 18.87 -13.28
N MET C 122 21.98 18.15 -13.22
CA MET C 122 20.71 18.68 -13.71
C MET C 122 20.40 20.02 -13.06
N ILE C 123 20.53 20.05 -11.74
CA ILE C 123 20.26 21.24 -10.96
C ILE C 123 21.20 22.37 -11.39
N ASN C 124 22.48 22.05 -11.59
CA ASN C 124 23.49 23.03 -11.99
C ASN C 124 23.22 23.70 -13.32
N ARG C 125 22.79 22.90 -14.29
CA ARG C 125 22.48 23.41 -15.62
C ARG C 125 21.10 24.05 -15.66
N GLY C 126 20.29 23.76 -14.64
CA GLY C 126 18.95 24.30 -14.55
C GLY C 126 17.99 23.60 -15.50
N VAL C 127 18.17 22.30 -15.68
CA VAL C 127 17.29 21.56 -16.57
C VAL C 127 16.43 20.55 -15.84
N PRO C 128 15.25 20.25 -16.41
CA PRO C 128 14.37 19.27 -15.78
C PRO C 128 15.02 17.92 -16.06
N GLY C 129 14.53 16.86 -15.43
CA GLY C 129 15.14 15.57 -15.68
C GLY C 129 14.20 14.47 -15.28
N SER C 130 14.54 13.26 -15.69
CA SER C 130 13.74 12.10 -15.35
C SER C 130 14.65 10.96 -15.01
N ILE C 131 14.42 10.35 -13.84
CA ILE C 131 15.20 9.23 -13.33
C ILE C 131 14.27 8.04 -13.12
N VAL C 132 14.65 6.88 -13.64
CA VAL C 132 13.86 5.67 -13.46
C VAL C 132 14.67 4.65 -12.69
N ASN C 133 14.10 4.14 -11.61
CA ASN C 133 14.73 3.12 -10.79
C ASN C 133 14.08 1.80 -11.13
N VAL C 134 14.86 0.87 -11.66
CA VAL C 134 14.32 -0.44 -12.02
C VAL C 134 14.23 -1.28 -10.75
N SER C 135 13.00 -1.45 -10.29
CA SER C 135 12.71 -2.20 -9.08
C SER C 135 12.17 -3.57 -9.45
N SER C 136 11.23 -4.07 -8.67
CA SER C 136 10.65 -5.38 -8.89
C SER C 136 9.31 -5.49 -8.19
N MET C 137 8.51 -6.47 -8.58
CA MET C 137 7.23 -6.67 -7.92
C MET C 137 7.53 -7.14 -6.49
N VAL C 138 8.72 -7.73 -6.29
CA VAL C 138 9.12 -8.24 -4.96
C VAL C 138 9.44 -7.15 -3.94
N ALA C 139 9.23 -5.89 -4.31
CA ALA C 139 9.37 -4.80 -3.37
C ALA C 139 8.02 -4.77 -2.63
N HIS C 140 7.06 -5.54 -3.13
CA HIS C 140 5.70 -5.60 -2.57
C HIS C 140 5.25 -7.01 -2.15
N VAL C 141 5.54 -8.02 -2.96
CA VAL C 141 5.17 -9.40 -2.65
C VAL C 141 6.41 -10.24 -2.33
N THR C 142 6.23 -11.32 -1.58
CA THR C 142 7.34 -12.18 -1.21
C THR C 142 7.68 -13.16 -2.34
N PHE C 143 8.88 -13.69 -2.28
CA PHE C 143 9.34 -14.64 -3.28
C PHE C 143 10.38 -15.48 -2.55
N PRO C 144 10.26 -16.81 -2.66
CA PRO C 144 11.20 -17.71 -1.99
C PRO C 144 12.66 -17.53 -2.44
N ASN C 145 13.57 -17.58 -1.47
CA ASN C 145 15.02 -17.42 -1.69
C ASN C 145 15.47 -16.01 -2.08
N LEU C 146 14.58 -15.05 -1.99
CA LEU C 146 14.90 -13.69 -2.40
C LEU C 146 14.82 -12.67 -1.29
N ILE C 147 14.91 -13.10 -0.04
CA ILE C 147 14.78 -12.14 1.06
C ILE C 147 15.73 -10.96 1.00
N THR C 148 17.01 -11.18 0.72
CA THR C 148 17.97 -10.08 0.65
C THR C 148 17.66 -9.16 -0.54
N TYR C 149 17.42 -9.78 -1.69
CA TYR C 149 17.09 -9.02 -2.90
C TYR C 149 15.78 -8.23 -2.71
N SER C 150 14.75 -8.86 -2.15
CA SER C 150 13.47 -8.21 -1.88
C SER C 150 13.64 -6.99 -0.99
N SER C 151 14.52 -7.11 0.01
CA SER C 151 14.80 -6.01 0.93
C SER C 151 15.44 -4.84 0.21
N THR C 152 16.29 -5.10 -0.79
CA THR C 152 16.91 -3.99 -1.52
C THR C 152 15.87 -3.26 -2.37
N LYS C 153 14.87 -3.99 -2.87
CA LYS C 153 13.80 -3.40 -3.68
C LYS C 153 12.77 -2.69 -2.79
N GLY C 154 12.54 -3.22 -1.60
CA GLY C 154 11.62 -2.56 -0.67
C GLY C 154 12.17 -1.22 -0.26
N ALA C 155 13.49 -1.15 -0.10
CA ALA C 155 14.17 0.08 0.27
C ALA C 155 14.10 1.05 -0.92
N MET C 156 14.17 0.49 -2.14
CA MET C 156 14.12 1.31 -3.34
C MET C 156 12.78 2.02 -3.44
N THR C 157 11.72 1.39 -2.95
CA THR C 157 10.40 2.01 -2.96
C THR C 157 10.45 3.34 -2.21
N MET C 158 11.02 3.36 -1.01
CA MET C 158 11.11 4.59 -0.23
C MET C 158 12.15 5.53 -0.78
N LEU C 159 13.21 4.99 -1.37
CA LEU C 159 14.25 5.82 -1.97
C LEU C 159 13.60 6.62 -3.10
N THR C 160 12.81 5.94 -3.92
CA THR C 160 12.12 6.56 -5.06
C THR C 160 11.16 7.64 -4.61
N LYS C 161 10.43 7.35 -3.53
CA LYS C 161 9.45 8.29 -2.97
C LYS C 161 10.14 9.54 -2.40
N ALA C 162 11.19 9.34 -1.60
CA ALA C 162 11.94 10.43 -0.97
C ALA C 162 12.72 11.28 -1.97
N MET C 163 13.24 10.63 -3.01
CA MET C 163 13.97 11.32 -4.06
C MET C 163 12.97 12.23 -4.79
N ALA C 164 11.78 11.69 -5.08
CA ALA C 164 10.73 12.46 -5.77
C ALA C 164 10.35 13.68 -4.94
N MET C 165 10.27 13.51 -3.62
CA MET C 165 9.91 14.62 -2.75
C MET C 165 11.00 15.72 -2.73
N GLU C 166 12.25 15.31 -2.57
CA GLU C 166 13.36 16.25 -2.49
C GLU C 166 13.81 16.93 -3.78
N LEU C 167 13.70 16.21 -4.90
CA LEU C 167 14.10 16.75 -6.22
C LEU C 167 12.94 17.36 -7.00
N GLY C 168 11.72 17.07 -6.57
CA GLY C 168 10.54 17.59 -7.22
C GLY C 168 10.58 19.07 -7.47
N PRO C 169 10.92 19.88 -6.45
CA PRO C 169 11.00 21.33 -6.62
C PRO C 169 12.03 21.75 -7.67
N HIS C 170 12.88 20.81 -8.08
CA HIS C 170 13.89 21.06 -9.11
C HIS C 170 13.46 20.49 -10.47
N LYS C 171 12.18 20.17 -10.61
CA LYS C 171 11.62 19.64 -11.84
C LYS C 171 12.22 18.31 -12.27
N ILE C 172 12.71 17.56 -11.30
CA ILE C 172 13.28 16.24 -11.58
C ILE C 172 12.27 15.19 -11.11
N ARG C 173 11.84 14.33 -12.01
CA ARG C 173 10.89 13.29 -11.67
C ARG C 173 11.65 12.01 -11.42
N VAL C 174 11.16 11.21 -10.48
CA VAL C 174 11.80 9.95 -10.11
C VAL C 174 10.70 8.91 -9.99
N ASN C 175 10.81 7.81 -10.71
CA ASN C 175 9.81 6.76 -10.68
C ASN C 175 10.51 5.43 -10.77
N SER C 176 9.75 4.36 -10.54
CA SER C 176 10.31 3.03 -10.65
C SER C 176 9.43 2.21 -11.57
N VAL C 177 9.96 1.07 -12.01
CA VAL C 177 9.25 0.10 -12.83
C VAL C 177 9.39 -1.19 -12.00
N ASN C 178 8.28 -1.88 -11.75
CA ASN C 178 8.26 -3.06 -10.91
C ASN C 178 7.78 -4.29 -11.66
N PRO C 179 8.69 -4.98 -12.34
CA PRO C 179 8.29 -6.16 -13.10
C PRO C 179 8.23 -7.46 -12.32
N THR C 180 7.54 -8.42 -12.91
CA THR C 180 7.46 -9.77 -12.37
C THR C 180 8.67 -10.44 -13.06
N VAL C 181 8.71 -11.77 -13.10
CA VAL C 181 9.81 -12.47 -13.75
C VAL C 181 9.88 -12.13 -15.26
N VAL C 182 11.10 -11.86 -15.73
CA VAL C 182 11.37 -11.56 -17.13
C VAL C 182 12.54 -12.49 -17.46
N LEU C 183 12.35 -13.35 -18.44
CA LEU C 183 13.36 -14.34 -18.80
C LEU C 183 14.75 -13.94 -19.32
N THR C 184 15.40 -13.00 -18.62
CA THR C 184 16.76 -12.61 -18.96
C THR C 184 17.59 -13.61 -18.14
N ASP C 185 18.91 -13.42 -18.04
CA ASP C 185 19.74 -14.32 -17.25
C ASP C 185 19.26 -14.36 -15.79
N MET C 186 18.83 -13.20 -15.29
CA MET C 186 18.33 -13.13 -13.92
C MET C 186 16.99 -13.85 -13.72
N GLY C 187 16.08 -13.69 -14.69
CA GLY C 187 14.80 -14.35 -14.62
C GLY C 187 14.88 -15.87 -14.70
N LYS C 188 15.79 -16.38 -15.52
CA LYS C 188 15.98 -17.83 -15.66
C LYS C 188 16.60 -18.41 -14.37
N LYS C 189 17.42 -17.61 -13.71
CA LYS C 189 18.08 -18.00 -12.48
C LYS C 189 17.07 -18.24 -11.35
N VAL C 190 16.21 -17.25 -11.13
CA VAL C 190 15.23 -17.33 -10.05
C VAL C 190 14.07 -18.29 -10.26
N SER C 191 13.72 -18.56 -11.52
CA SER C 191 12.62 -19.48 -11.81
C SER C 191 13.20 -20.80 -12.32
N ALA C 192 14.44 -21.09 -11.91
CA ALA C 192 15.14 -22.31 -12.32
C ALA C 192 14.33 -23.58 -12.08
N ASP C 193 13.66 -23.68 -10.94
CA ASP C 193 12.85 -24.86 -10.62
C ASP C 193 11.64 -24.90 -11.56
N PRO C 194 11.56 -25.91 -12.44
CA PRO C 194 10.46 -26.07 -13.39
C PRO C 194 9.08 -26.13 -12.75
N GLU C 195 8.98 -26.76 -11.59
CA GLU C 195 7.71 -26.89 -10.91
C GLU C 195 7.28 -25.56 -10.31
N PHE C 196 8.25 -24.82 -9.78
CA PHE C 196 7.99 -23.53 -9.18
C PHE C 196 7.53 -22.57 -10.27
N ALA C 197 8.28 -22.50 -11.36
CA ALA C 197 7.98 -21.63 -12.48
C ALA C 197 6.57 -21.88 -12.99
N ARG C 198 6.19 -23.15 -13.07
CA ARG C 198 4.88 -23.57 -13.56
C ARG C 198 3.77 -23.00 -12.70
N LYS C 199 3.81 -23.27 -11.41
CA LYS C 199 2.79 -22.76 -10.51
C LYS C 199 2.86 -21.24 -10.38
N LEU C 200 4.06 -20.69 -10.51
CA LEU C 200 4.27 -19.25 -10.43
C LEU C 200 3.54 -18.58 -11.61
N LYS C 201 3.78 -19.09 -12.81
CA LYS C 201 3.15 -18.53 -14.01
C LYS C 201 1.63 -18.65 -13.93
N GLU C 202 1.17 -19.80 -13.45
CA GLU C 202 -0.26 -20.06 -13.28
C GLU C 202 -0.95 -19.06 -12.36
N ARG C 203 -0.24 -18.63 -11.31
CA ARG C 203 -0.81 -17.66 -10.38
C ARG C 203 -1.00 -16.27 -11.04
N HIS C 204 -0.25 -15.99 -12.09
CA HIS C 204 -0.38 -14.70 -12.79
C HIS C 204 -1.71 -14.64 -13.52
N PRO C 205 -2.52 -13.58 -13.30
CA PRO C 205 -3.81 -13.44 -13.97
C PRO C 205 -3.65 -13.54 -15.47
N LEU C 206 -2.61 -12.93 -16.01
CA LEU C 206 -2.35 -12.94 -17.44
C LEU C 206 -1.71 -14.25 -17.92
N ARG C 207 -1.41 -15.14 -16.97
CA ARG C 207 -0.83 -16.45 -17.24
C ARG C 207 0.44 -16.37 -18.08
N LYS C 208 1.31 -15.43 -17.74
CA LYS C 208 2.56 -15.27 -18.47
C LYS C 208 3.52 -14.46 -17.64
N PHE C 209 4.78 -14.45 -18.07
CA PHE C 209 5.81 -13.66 -17.43
C PHE C 209 5.93 -12.44 -18.34
N ALA C 210 6.60 -11.38 -17.87
CA ALA C 210 6.75 -10.18 -18.68
C ALA C 210 7.89 -10.30 -19.68
N GLU C 211 7.77 -9.59 -20.78
CA GLU C 211 8.80 -9.56 -21.80
C GLU C 211 9.71 -8.37 -21.52
N VAL C 212 10.98 -8.45 -21.94
CA VAL C 212 11.94 -7.36 -21.75
C VAL C 212 11.34 -6.09 -22.38
N GLU C 213 10.73 -6.28 -23.54
CA GLU C 213 10.11 -5.19 -24.28
C GLU C 213 9.06 -4.48 -23.44
N ASP C 214 8.29 -5.23 -22.65
CA ASP C 214 7.27 -4.63 -21.80
C ASP C 214 7.94 -3.72 -20.78
N VAL C 215 9.06 -4.16 -20.22
CA VAL C 215 9.74 -3.34 -19.22
C VAL C 215 10.35 -2.10 -19.88
N VAL C 216 11.02 -2.28 -21.02
CA VAL C 216 11.61 -1.15 -21.73
C VAL C 216 10.55 -0.11 -22.05
N ASN C 217 9.37 -0.55 -22.51
CA ASN C 217 8.28 0.40 -22.83
C ASN C 217 7.89 1.32 -21.66
N SER C 218 7.77 0.75 -20.46
CA SER C 218 7.41 1.54 -19.27
C SER C 218 8.53 2.50 -18.89
N ILE C 219 9.77 2.05 -19.01
CA ILE C 219 10.91 2.88 -18.69
C ILE C 219 10.86 4.11 -19.61
N LEU C 220 10.71 3.90 -20.91
CA LEU C 220 10.67 5.02 -21.83
C LEU C 220 9.50 5.97 -21.58
N PHE C 221 8.35 5.40 -21.22
CA PHE C 221 7.18 6.22 -20.97
C PHE C 221 7.46 7.18 -19.81
N LEU C 222 8.11 6.67 -18.77
CA LEU C 222 8.42 7.47 -17.60
C LEU C 222 9.52 8.47 -17.88
N LEU C 223 10.44 8.13 -18.79
CA LEU C 223 11.51 9.07 -19.13
C LEU C 223 10.99 10.21 -19.99
N SER C 224 9.97 9.93 -20.80
CA SER C 224 9.41 10.94 -21.71
C SER C 224 8.56 12.01 -21.05
N ASP C 225 8.26 13.06 -21.81
CA ASP C 225 7.41 14.13 -21.31
C ASP C 225 5.93 13.73 -21.34
N ARG C 226 5.65 12.49 -21.73
CA ARG C 226 4.28 11.96 -21.76
C ARG C 226 3.80 11.57 -20.35
N SER C 227 4.69 11.66 -19.36
CA SER C 227 4.35 11.34 -17.98
C SER C 227 4.79 12.49 -17.08
N ALA C 228 4.54 13.71 -17.55
CA ALA C 228 4.95 14.94 -16.87
C ALA C 228 4.44 15.20 -15.45
N SER C 229 3.42 14.48 -15.00
CA SER C 229 2.91 14.66 -13.63
C SER C 229 3.03 13.36 -12.86
N THR C 230 3.91 12.49 -13.33
CA THR C 230 4.13 11.21 -12.69
C THR C 230 5.51 11.19 -12.03
N SER C 231 5.51 11.10 -10.70
CA SER C 231 6.74 11.08 -9.92
C SER C 231 6.52 10.56 -8.51
N GLY C 232 7.39 9.66 -8.06
CA GLY C 232 7.31 9.15 -6.70
C GLY C 232 6.81 7.73 -6.51
N GLY C 233 6.12 7.21 -7.52
CA GLY C 233 5.62 5.86 -7.42
C GLY C 233 6.20 5.01 -8.52
N GLY C 234 5.47 3.97 -8.91
CA GLY C 234 5.96 3.11 -9.96
C GLY C 234 4.89 2.51 -10.84
N ILE C 235 5.33 1.77 -11.85
CA ILE C 235 4.41 1.14 -12.77
C ILE C 235 4.69 -0.34 -12.66
N LEU C 236 3.66 -1.11 -12.34
CA LEU C 236 3.82 -2.54 -12.23
C LEU C 236 3.80 -3.20 -13.60
N VAL C 237 4.81 -4.01 -13.89
CA VAL C 237 4.88 -4.74 -15.15
C VAL C 237 4.92 -6.17 -14.64
N ASP C 238 3.86 -6.52 -13.91
CA ASP C 238 3.77 -7.79 -13.24
C ASP C 238 2.76 -8.80 -13.78
N ALA C 239 2.29 -8.62 -15.00
CA ALA C 239 1.30 -9.51 -15.60
C ALA C 239 0.13 -9.78 -14.65
N GLY C 240 -0.15 -8.78 -13.80
CA GLY C 240 -1.22 -8.84 -12.83
C GLY C 240 -0.95 -9.60 -11.54
N TYR C 241 0.30 -9.97 -11.26
CA TYR C 241 0.63 -10.75 -10.08
C TYR C 241 0.16 -10.20 -8.76
N LEU C 242 0.24 -8.89 -8.55
CA LEU C 242 -0.21 -8.31 -7.29
C LEU C 242 -1.73 -8.42 -7.11
N ALA C 243 -2.43 -8.71 -8.20
CA ALA C 243 -3.88 -8.89 -8.15
C ALA C 243 -4.24 -10.36 -7.91
N SER C 244 -3.24 -11.19 -7.59
CA SER C 244 -3.48 -12.62 -7.36
C SER C 244 -3.55 -13.07 -5.91
N LEU D 3 -0.51 -8.33 30.55
CA LEU D 3 -0.08 -9.58 29.84
C LEU D 3 0.88 -10.29 30.78
N ASN D 4 1.01 -11.59 30.59
CA ASN D 4 1.91 -12.37 31.44
C ASN D 4 2.89 -13.11 30.56
N PHE D 5 4.17 -12.83 30.76
CA PHE D 5 5.21 -13.47 29.97
C PHE D 5 6.08 -14.37 30.84
N SER D 6 5.50 -14.86 31.94
CA SER D 6 6.21 -15.76 32.84
C SER D 6 6.69 -17.01 32.14
N GLY D 7 7.93 -17.40 32.42
CA GLY D 7 8.51 -18.58 31.82
C GLY D 7 9.10 -18.34 30.45
N LEU D 8 9.00 -17.11 29.96
CA LEU D 8 9.53 -16.75 28.66
C LEU D 8 10.73 -15.83 28.76
N ARG D 9 11.63 -15.93 27.78
CA ARG D 9 12.85 -15.13 27.75
C ARG D 9 12.84 -14.22 26.53
N ALA D 10 13.00 -12.92 26.74
CA ALA D 10 13.00 -11.95 25.66
C ALA D 10 14.37 -11.29 25.49
N LEU D 11 14.65 -10.85 24.27
CA LEU D 11 15.89 -10.16 23.94
C LEU D 11 15.48 -8.86 23.26
N VAL D 12 15.94 -7.73 23.79
CA VAL D 12 15.60 -6.41 23.23
C VAL D 12 16.89 -5.69 22.86
N THR D 13 17.01 -5.29 21.59
CA THR D 13 18.20 -4.58 21.14
C THR D 13 17.93 -3.08 21.28
N GLY D 14 18.99 -2.30 21.43
CA GLY D 14 18.84 -0.86 21.61
C GLY D 14 18.15 -0.61 22.95
N ALA D 15 18.43 -1.47 23.93
CA ALA D 15 17.82 -1.38 25.27
C ALA D 15 18.28 -0.27 26.22
N GLY D 16 19.34 0.45 25.88
CA GLY D 16 19.83 1.48 26.76
C GLY D 16 19.03 2.78 26.88
N LYS D 17 18.24 3.11 25.86
CA LYS D 17 17.49 4.35 25.91
C LYS D 17 16.15 4.24 25.21
N GLY D 18 15.35 5.28 25.38
CA GLY D 18 14.05 5.39 24.73
C GLY D 18 13.10 4.24 24.75
N ILE D 19 12.55 3.92 23.58
CA ILE D 19 11.59 2.84 23.43
C ILE D 19 12.13 1.50 23.91
N GLY D 20 13.37 1.20 23.54
CA GLY D 20 13.97 -0.06 23.94
C GLY D 20 14.07 -0.21 25.45
N ARG D 21 14.43 0.87 26.14
CA ARG D 21 14.56 0.83 27.59
C ARG D 21 13.20 0.56 28.23
N ASP D 22 12.16 1.26 27.75
CA ASP D 22 10.83 1.04 28.30
C ASP D 22 10.24 -0.33 27.95
N THR D 23 10.65 -0.88 26.81
CA THR D 23 10.19 -2.20 26.44
C THR D 23 10.76 -3.22 27.43
N VAL D 24 12.06 -3.10 27.76
CA VAL D 24 12.67 -4.03 28.73
C VAL D 24 11.92 -3.90 30.06
N LYS D 25 11.63 -2.67 30.46
CA LYS D 25 10.93 -2.43 31.72
C LYS D 25 9.56 -3.08 31.74
N ALA D 26 8.83 -2.92 30.64
CA ALA D 26 7.49 -3.51 30.51
C ALA D 26 7.54 -5.04 30.51
N LEU D 27 8.52 -5.62 29.82
CA LEU D 27 8.63 -7.08 29.77
C LEU D 27 9.07 -7.64 31.12
N HIS D 28 9.98 -6.93 31.78
CA HIS D 28 10.47 -7.33 33.09
C HIS D 28 9.31 -7.37 34.07
N ALA D 29 8.49 -6.32 34.07
CA ALA D 29 7.33 -6.23 34.95
C ALA D 29 6.27 -7.27 34.61
N SER D 30 6.25 -7.75 33.37
CA SER D 30 5.28 -8.74 32.96
C SER D 30 5.76 -10.16 33.21
N GLY D 31 6.91 -10.30 33.84
CA GLY D 31 7.40 -11.62 34.17
C GLY D 31 8.44 -12.29 33.29
N ALA D 32 8.81 -11.71 32.16
CA ALA D 32 9.81 -12.37 31.31
C ALA D 32 11.24 -12.09 31.81
N LYS D 33 12.17 -12.96 31.44
CA LYS D 33 13.59 -12.78 31.76
C LYS D 33 14.00 -11.96 30.55
N VAL D 34 14.72 -10.86 30.76
CA VAL D 34 15.09 -10.02 29.63
C VAL D 34 16.60 -9.92 29.41
N VAL D 35 17.01 -10.07 28.16
CA VAL D 35 18.42 -9.93 27.76
C VAL D 35 18.41 -8.56 27.11
N ALA D 36 19.11 -7.62 27.74
CA ALA D 36 19.16 -6.23 27.26
C ALA D 36 20.43 -5.97 26.46
N VAL D 37 20.28 -5.77 25.15
CA VAL D 37 21.42 -5.53 24.28
C VAL D 37 21.55 -4.06 23.88
N THR D 38 22.69 -3.45 24.17
CA THR D 38 22.88 -2.05 23.81
C THR D 38 24.35 -1.67 23.64
N ARG D 39 24.58 -0.50 23.04
CA ARG D 39 25.94 -0.01 22.74
C ARG D 39 26.73 0.59 23.91
N THR D 40 26.08 1.41 24.73
CA THR D 40 26.74 2.05 25.88
C THR D 40 26.54 1.25 27.18
N ASN D 41 27.63 0.73 27.74
CA ASN D 41 27.56 -0.07 28.95
C ASN D 41 26.91 0.61 30.16
N SER D 42 27.13 1.91 30.34
CA SER D 42 26.56 2.60 31.49
C SER D 42 25.03 2.64 31.53
N ASP D 43 24.39 2.51 30.37
CA ASP D 43 22.93 2.50 30.28
C ASP D 43 22.41 1.19 30.86
N LEU D 44 23.23 0.14 30.75
CA LEU D 44 22.86 -1.17 31.27
C LEU D 44 23.05 -1.21 32.78
N VAL D 45 24.03 -0.44 33.27
CA VAL D 45 24.28 -0.38 34.72
C VAL D 45 23.07 0.25 35.38
N SER D 46 22.57 1.35 34.83
CA SER D 46 21.38 2.00 35.41
C SER D 46 20.11 1.14 35.25
N LEU D 47 20.02 0.43 34.12
CA LEU D 47 18.85 -0.41 33.86
C LEU D 47 18.78 -1.61 34.80
N ALA D 48 19.91 -2.22 35.09
CA ALA D 48 19.92 -3.37 36.00
C ALA D 48 19.45 -2.96 37.41
N LYS D 49 19.68 -1.69 37.80
CA LYS D 49 19.23 -1.20 39.10
C LYS D 49 17.70 -1.17 39.11
N GLU D 50 17.15 -0.62 38.03
CA GLU D 50 15.71 -0.49 37.86
C GLU D 50 14.99 -1.82 37.69
N CYS D 51 15.60 -2.73 36.93
CA CYS D 51 15.02 -4.03 36.64
C CYS D 51 16.00 -5.13 37.04
N PRO D 52 16.17 -5.34 38.35
CA PRO D 52 17.09 -6.37 38.82
C PRO D 52 16.79 -7.72 38.22
N GLY D 53 17.80 -8.36 37.65
CA GLY D 53 17.58 -9.66 37.05
C GLY D 53 17.75 -9.67 35.54
N ILE D 54 17.79 -8.51 34.90
CA ILE D 54 17.98 -8.50 33.46
C ILE D 54 19.41 -8.97 33.16
N GLU D 55 19.66 -9.39 31.92
CA GLU D 55 20.98 -9.86 31.53
C GLU D 55 21.54 -8.85 30.54
N PRO D 56 22.54 -8.06 30.96
CA PRO D 56 23.12 -7.05 30.09
C PRO D 56 24.11 -7.60 29.06
N VAL D 57 24.02 -7.06 27.85
CA VAL D 57 24.93 -7.41 26.78
C VAL D 57 25.32 -6.08 26.11
N CYS D 58 26.61 -5.75 26.16
CA CYS D 58 27.10 -4.52 25.57
C CYS D 58 27.84 -4.86 24.28
N VAL D 59 27.32 -4.40 23.14
CA VAL D 59 27.96 -4.69 21.86
C VAL D 59 27.48 -3.69 20.82
N ASP D 60 28.33 -3.44 19.84
CA ASP D 60 27.95 -2.55 18.76
C ASP D 60 27.33 -3.48 17.71
N LEU D 61 26.02 -3.34 17.53
CA LEU D 61 25.27 -4.18 16.59
C LEU D 61 25.63 -3.95 15.12
N GLY D 62 26.37 -2.89 14.84
CA GLY D 62 26.81 -2.63 13.47
C GLY D 62 27.99 -3.49 13.09
N ASP D 63 28.54 -4.23 14.04
CA ASP D 63 29.68 -5.12 13.84
C ASP D 63 29.21 -6.56 13.82
N TRP D 64 29.20 -7.15 12.65
CA TRP D 64 28.73 -8.51 12.49
C TRP D 64 29.50 -9.51 13.35
N ASP D 65 30.83 -9.43 13.32
CA ASP D 65 31.67 -10.37 14.07
C ASP D 65 31.54 -10.27 15.57
N ALA D 66 31.48 -9.04 16.08
CA ALA D 66 31.36 -8.78 17.50
C ALA D 66 29.98 -9.22 18.00
N THR D 67 28.96 -9.00 17.17
CA THR D 67 27.59 -9.34 17.51
C THR D 67 27.46 -10.86 17.61
N GLU D 68 28.13 -11.56 16.70
CA GLU D 68 28.11 -13.01 16.70
C GLU D 68 28.78 -13.58 17.97
N LYS D 69 29.92 -13.02 18.37
CA LYS D 69 30.61 -13.49 19.57
C LYS D 69 29.74 -13.21 20.80
N ALA D 70 29.22 -12.00 20.87
CA ALA D 70 28.39 -11.57 22.00
C ALA D 70 27.06 -12.30 22.19
N LEU D 71 26.36 -12.62 21.10
CA LEU D 71 25.05 -13.26 21.21
C LEU D 71 25.00 -14.74 20.85
N GLY D 72 26.08 -15.27 20.29
CA GLY D 72 26.11 -16.68 19.92
C GLY D 72 25.83 -17.65 21.06
N GLY D 73 26.12 -17.22 22.29
CA GLY D 73 25.88 -18.08 23.43
C GLY D 73 24.86 -17.58 24.44
N ILE D 74 23.96 -16.66 24.06
CA ILE D 74 22.97 -16.18 25.05
C ILE D 74 21.93 -17.22 25.47
N GLY D 75 21.73 -18.27 24.68
CA GLY D 75 20.76 -19.29 25.07
C GLY D 75 19.36 -19.09 24.50
N PRO D 76 18.35 -19.77 25.07
CA PRO D 76 16.95 -19.73 24.65
C PRO D 76 16.28 -18.36 24.64
N VAL D 77 15.69 -18.02 23.51
CA VAL D 77 15.00 -16.75 23.36
C VAL D 77 13.65 -17.04 22.71
N ASP D 78 12.60 -16.59 23.36
CA ASP D 78 11.23 -16.80 22.92
C ASP D 78 10.61 -15.57 22.28
N LEU D 79 11.07 -14.40 22.67
CA LEU D 79 10.52 -13.14 22.17
C LEU D 79 11.68 -12.23 21.78
N LEU D 80 11.58 -11.62 20.59
CA LEU D 80 12.65 -10.75 20.11
C LEU D 80 12.12 -9.39 19.69
N VAL D 81 12.77 -8.33 20.14
CA VAL D 81 12.39 -6.98 19.75
C VAL D 81 13.62 -6.35 19.09
N ASN D 82 13.59 -6.22 17.76
CA ASN D 82 14.70 -5.64 17.00
C ASN D 82 14.40 -4.16 17.00
N ASN D 83 14.97 -3.46 17.96
CA ASN D 83 14.70 -2.05 18.17
C ASN D 83 15.84 -1.07 17.86
N ALA D 84 17.09 -1.51 17.98
CA ALA D 84 18.22 -0.62 17.75
C ALA D 84 18.24 0.00 16.35
N ALA D 85 18.54 1.30 16.30
CA ALA D 85 18.65 2.03 15.05
C ALA D 85 19.29 3.38 15.35
N LEU D 86 19.86 3.98 14.30
CA LEU D 86 20.48 5.29 14.41
C LEU D 86 20.01 6.15 13.23
N VAL D 87 19.89 7.45 13.47
CA VAL D 87 19.45 8.39 12.45
C VAL D 87 20.61 9.32 12.12
N ILE D 88 21.01 9.35 10.86
CA ILE D 88 22.06 10.26 10.43
C ILE D 88 21.31 11.15 9.45
N MET D 89 20.99 12.38 9.87
CA MET D 89 20.24 13.31 9.05
C MET D 89 21.06 13.98 7.95
N GLN D 90 20.64 13.81 6.70
CA GLN D 90 21.33 14.42 5.56
C GLN D 90 20.39 14.50 4.39
N PRO D 91 20.34 15.64 3.71
CA PRO D 91 19.46 15.77 2.55
C PRO D 91 20.05 14.82 1.49
N PHE D 92 19.24 14.42 0.51
CA PHE D 92 19.70 13.49 -0.53
C PHE D 92 21.05 13.80 -1.18
N LEU D 93 21.17 15.00 -1.72
CA LEU D 93 22.40 15.42 -2.38
C LEU D 93 23.62 15.43 -1.46
N GLU D 94 23.42 15.22 -0.16
CA GLU D 94 24.54 15.23 0.77
C GLU D 94 24.83 13.91 1.47
N VAL D 95 24.12 12.86 1.06
CA VAL D 95 24.31 11.54 1.65
C VAL D 95 25.72 11.03 1.33
N THR D 96 26.41 10.53 2.35
CA THR D 96 27.77 10.04 2.20
C THR D 96 27.83 8.53 2.26
N LYS D 97 28.92 7.96 1.76
CA LYS D 97 29.11 6.52 1.76
C LYS D 97 29.04 5.99 3.19
N GLU D 98 29.75 6.66 4.10
CA GLU D 98 29.79 6.25 5.49
C GLU D 98 28.42 6.32 6.17
N ALA D 99 27.63 7.35 5.85
CA ALA D 99 26.31 7.50 6.44
C ALA D 99 25.43 6.35 5.97
N PHE D 100 25.54 5.99 4.68
CA PHE D 100 24.77 4.90 4.13
C PHE D 100 25.16 3.59 4.82
N ASP D 101 26.45 3.26 4.76
CA ASP D 101 26.96 2.02 5.36
C ASP D 101 26.61 1.81 6.83
N ARG D 102 26.86 2.81 7.66
CA ARG D 102 26.57 2.73 9.09
C ARG D 102 25.07 2.53 9.30
N SER D 103 24.25 3.31 8.59
CA SER D 103 22.80 3.21 8.71
C SER D 103 22.28 1.82 8.32
N PHE D 104 22.75 1.25 7.23
CA PHE D 104 22.27 -0.07 6.87
C PHE D 104 22.83 -1.17 7.74
N SER D 105 24.02 -0.96 8.30
CA SER D 105 24.63 -1.96 9.17
C SER D 105 23.88 -2.05 10.49
N VAL D 106 23.55 -0.90 11.07
CA VAL D 106 22.86 -0.87 12.35
C VAL D 106 21.35 -1.09 12.21
N ASN D 107 20.72 -0.33 11.32
CA ASN D 107 19.26 -0.40 11.13
C ASN D 107 18.68 -1.62 10.44
N LEU D 108 19.47 -2.34 9.65
CA LEU D 108 18.93 -3.49 8.93
C LEU D 108 19.79 -4.75 8.94
N ARG D 109 21.10 -4.64 8.71
CA ARG D 109 21.90 -5.85 8.72
C ARG D 109 21.84 -6.58 10.07
N SER D 110 21.79 -5.82 11.17
CA SER D 110 21.73 -6.44 12.49
C SER D 110 20.42 -7.16 12.71
N VAL D 111 19.34 -6.68 12.07
CA VAL D 111 18.02 -7.30 12.20
C VAL D 111 18.07 -8.66 11.51
N PHE D 112 18.78 -8.75 10.39
CA PHE D 112 18.93 -10.04 9.72
C PHE D 112 19.67 -11.00 10.65
N GLN D 113 20.84 -10.55 11.12
CA GLN D 113 21.70 -11.37 11.96
C GLN D 113 21.11 -11.86 13.26
N VAL D 114 20.61 -10.93 14.07
CA VAL D 114 20.03 -11.30 15.34
C VAL D 114 18.79 -12.19 15.15
N SER D 115 17.96 -11.84 14.17
CA SER D 115 16.76 -12.63 13.88
C SER D 115 17.14 -14.06 13.44
N GLN D 116 18.21 -14.19 12.66
CA GLN D 116 18.64 -15.53 12.24
C GLN D 116 19.02 -16.38 13.44
N MET D 117 19.84 -15.82 14.32
CA MET D 117 20.29 -16.55 15.50
C MET D 117 19.15 -16.97 16.40
N VAL D 118 18.25 -16.03 16.68
CA VAL D 118 17.10 -16.32 17.52
C VAL D 118 16.17 -17.34 16.86
N ALA D 119 15.85 -17.14 15.57
CA ALA D 119 14.97 -18.07 14.87
C ALA D 119 15.54 -19.48 14.78
N ARG D 120 16.85 -19.62 14.55
CA ARG D 120 17.46 -20.94 14.49
C ARG D 120 17.26 -21.63 15.85
N ASP D 121 17.38 -20.87 16.92
CA ASP D 121 17.21 -21.38 18.27
C ASP D 121 15.76 -21.87 18.50
N MET D 122 14.78 -21.02 18.16
CA MET D 122 13.37 -21.37 18.34
C MET D 122 13.05 -22.66 17.62
N ILE D 123 13.50 -22.73 16.36
CA ILE D 123 13.29 -23.90 15.53
C ILE D 123 13.99 -25.12 16.15
N ASN D 124 15.23 -24.95 16.62
CA ASN D 124 15.99 -26.04 17.23
C ASN D 124 15.29 -26.58 18.48
N ARG D 125 14.68 -25.69 19.25
CA ARG D 125 13.99 -26.09 20.47
C ARG D 125 12.59 -26.62 20.20
N GLY D 126 12.08 -26.38 19.00
CA GLY D 126 10.76 -26.84 18.63
C GLY D 126 9.66 -26.04 19.30
N VAL D 127 9.92 -24.74 19.48
CA VAL D 127 8.95 -23.87 20.13
C VAL D 127 8.53 -22.73 19.21
N PRO D 128 7.34 -22.16 19.47
CA PRO D 128 6.84 -21.05 18.67
C PRO D 128 7.59 -19.78 19.08
N GLY D 129 7.50 -18.73 18.29
CA GLY D 129 8.19 -17.51 18.64
C GLY D 129 7.53 -16.29 18.08
N SER D 130 7.83 -15.13 18.63
CA SER D 130 7.27 -13.89 18.15
C SER D 130 8.38 -12.85 18.07
N ILE D 131 8.51 -12.24 16.89
CA ILE D 131 9.54 -11.25 16.63
C ILE D 131 8.88 -9.95 16.18
N VAL D 132 9.26 -8.85 16.82
CA VAL D 132 8.74 -7.52 16.49
C VAL D 132 9.93 -6.67 16.01
N ASN D 133 9.79 -6.08 14.82
CA ASN D 133 10.81 -5.20 14.27
C ASN D 133 10.28 -3.79 14.45
N VAL D 134 11.01 -2.94 15.15
CA VAL D 134 10.55 -1.57 15.33
C VAL D 134 10.92 -0.81 14.07
N SER D 135 9.91 -0.50 13.27
CA SER D 135 10.11 0.21 12.04
C SER D 135 9.76 1.67 12.31
N SER D 136 9.06 2.29 11.38
CA SER D 136 8.66 3.68 11.46
C SER D 136 7.59 3.98 10.42
N MET D 137 6.86 5.07 10.62
CA MET D 137 5.87 5.46 9.63
C MET D 137 6.61 5.86 8.36
N VAL D 138 7.89 6.26 8.49
CA VAL D 138 8.66 6.67 7.32
C VAL D 138 9.09 5.54 6.38
N ALA D 139 8.57 4.35 6.64
CA ALA D 139 8.79 3.22 5.76
C ALA D 139 7.75 3.43 4.63
N HIS D 140 6.79 4.32 4.90
CA HIS D 140 5.70 4.63 3.98
C HIS D 140 5.60 6.11 3.54
N VAL D 141 5.88 7.04 4.44
CA VAL D 141 5.81 8.47 4.12
C VAL D 141 7.18 9.13 4.18
N THR D 142 7.39 10.16 3.38
CA THR D 142 8.67 10.86 3.36
C THR D 142 8.82 11.78 4.55
N PHE D 143 10.06 12.17 4.80
CA PHE D 143 10.38 13.03 5.91
C PHE D 143 11.69 13.72 5.51
N PRO D 144 11.77 15.04 5.65
CA PRO D 144 12.97 15.80 5.29
C PRO D 144 14.21 15.34 6.05
N ASN D 145 15.32 15.26 5.30
CA ASN D 145 16.63 14.88 5.83
C ASN D 145 16.73 13.44 6.31
N LEU D 146 15.69 12.66 6.11
CA LEU D 146 15.70 11.28 6.56
C LEU D 146 15.71 10.26 5.43
N ILE D 147 16.21 10.64 4.26
CA ILE D 147 16.19 9.72 3.15
C ILE D 147 16.91 8.38 3.40
N THR D 148 18.10 8.43 4.01
CA THR D 148 18.82 7.18 4.27
C THR D 148 18.09 6.33 5.28
N TYR D 149 17.69 6.95 6.38
CA TYR D 149 16.96 6.25 7.42
C TYR D 149 15.63 5.66 6.89
N SER D 150 14.91 6.43 6.07
CA SER D 150 13.64 5.97 5.49
C SER D 150 13.88 4.74 4.62
N SER D 151 14.99 4.76 3.89
CA SER D 151 15.34 3.64 3.05
C SER D 151 15.54 2.37 3.89
N THR D 152 16.17 2.48 5.04
CA THR D 152 16.37 1.29 5.87
C THR D 152 15.03 0.74 6.39
N LYS D 153 14.07 1.63 6.67
CA LYS D 153 12.76 1.22 7.17
C LYS D 153 11.90 0.64 6.04
N GLY D 154 12.05 1.19 4.83
CA GLY D 154 11.34 0.69 3.66
C GLY D 154 11.81 -0.74 3.43
N ALA D 155 13.11 -0.97 3.61
CA ALA D 155 13.69 -2.32 3.47
C ALA D 155 13.10 -3.24 4.53
N MET D 156 12.89 -2.71 5.73
CA MET D 156 12.35 -3.49 6.83
C MET D 156 10.94 -4.00 6.56
N THR D 157 10.18 -3.28 5.73
CA THR D 157 8.82 -3.72 5.41
C THR D 157 8.87 -5.06 4.68
N MET D 158 9.72 -5.17 3.67
CA MET D 158 9.85 -6.44 2.94
C MET D 158 10.56 -7.50 3.78
N LEU D 159 11.51 -7.08 4.61
CA LEU D 159 12.20 -8.02 5.48
C LEU D 159 11.15 -8.67 6.40
N THR D 160 10.29 -7.83 7.00
CA THR D 160 9.26 -8.32 7.91
C THR D 160 8.31 -9.26 7.19
N LYS D 161 7.87 -8.84 6.02
CA LYS D 161 6.95 -9.63 5.22
C LYS D 161 7.57 -10.97 4.82
N ALA D 162 8.80 -10.94 4.30
CA ALA D 162 9.46 -12.16 3.85
C ALA D 162 9.81 -13.07 5.03
N MET D 163 10.14 -12.50 6.18
CA MET D 163 10.44 -13.32 7.36
C MET D 163 9.16 -14.02 7.80
N ALA D 164 8.05 -13.31 7.81
CA ALA D 164 6.78 -13.93 8.19
C ALA D 164 6.46 -15.09 7.23
N MET D 165 6.76 -14.92 5.94
CA MET D 165 6.48 -15.96 4.98
C MET D 165 7.32 -17.20 5.24
N GLU D 166 8.62 -16.99 5.41
CA GLU D 166 9.54 -18.09 5.61
C GLU D 166 9.52 -18.76 6.96
N LEU D 167 9.19 -18.00 8.01
CA LEU D 167 9.16 -18.57 9.34
C LEU D 167 7.77 -19.01 9.81
N GLY D 168 6.73 -18.60 9.08
CA GLY D 168 5.37 -18.96 9.43
C GLY D 168 5.19 -20.45 9.61
N PRO D 169 5.72 -21.27 8.68
CA PRO D 169 5.58 -22.73 8.81
C PRO D 169 6.23 -23.26 10.10
N HIS D 170 7.02 -22.43 10.78
CA HIS D 170 7.67 -22.82 12.04
C HIS D 170 6.99 -22.20 13.27
N LYS D 171 5.81 -21.63 13.07
CA LYS D 171 5.03 -21.01 14.13
C LYS D 171 5.72 -19.78 14.74
N ILE D 172 6.51 -19.10 13.94
CA ILE D 172 7.18 -17.91 14.41
C ILE D 172 6.49 -16.73 13.74
N ARG D 173 5.93 -15.81 14.53
CA ARG D 173 5.26 -14.65 13.98
C ARG D 173 6.25 -13.48 13.88
N VAL D 174 6.11 -12.65 12.84
CA VAL D 174 7.01 -11.50 12.63
C VAL D 174 6.17 -10.31 12.22
N ASN D 175 6.25 -9.23 12.99
CA ASN D 175 5.48 -8.02 12.74
C ASN D 175 6.32 -6.79 13.00
N SER D 176 5.83 -5.63 12.63
CA SER D 176 6.54 -4.40 12.90
C SER D 176 5.59 -3.41 13.58
N VAL D 177 6.16 -2.37 14.18
CA VAL D 177 5.38 -1.30 14.79
C VAL D 177 5.94 -0.10 14.04
N ASN D 178 5.09 0.80 13.59
CA ASN D 178 5.52 1.95 12.78
C ASN D 178 5.04 3.25 13.38
N PRO D 179 5.84 3.84 14.28
CA PRO D 179 5.49 5.08 14.94
C PRO D 179 5.83 6.32 14.17
N THR D 180 5.18 7.41 14.57
CA THR D 180 5.46 8.72 14.02
C THR D 180 6.53 9.19 15.03
N VAL D 181 6.78 10.50 15.06
CA VAL D 181 7.75 11.06 16.00
C VAL D 181 7.38 10.75 17.46
N VAL D 182 8.35 10.28 18.23
CA VAL D 182 8.20 9.98 19.68
C VAL D 182 9.35 10.78 20.28
N LEU D 183 9.06 11.61 21.27
CA LEU D 183 10.07 12.46 21.88
C LEU D 183 11.14 11.82 22.76
N THR D 184 11.84 10.84 22.20
CA THR D 184 12.94 10.19 22.87
C THR D 184 14.09 11.08 22.37
N ASP D 185 15.35 10.69 22.58
CA ASP D 185 16.44 11.51 22.08
C ASP D 185 16.41 11.58 20.55
N MET D 186 16.02 10.47 19.92
CA MET D 186 15.94 10.41 18.46
C MET D 186 14.85 11.34 17.95
N GLY D 187 13.70 11.31 18.61
CA GLY D 187 12.57 12.13 18.20
C GLY D 187 12.88 13.62 18.29
N LYS D 188 13.59 14.00 19.33
CA LYS D 188 13.99 15.39 19.55
C LYS D 188 14.94 15.83 18.46
N LYS D 189 15.89 14.95 18.14
CA LYS D 189 16.89 15.21 17.11
C LYS D 189 16.22 15.54 15.78
N VAL D 190 15.33 14.65 15.38
CA VAL D 190 14.60 14.74 14.13
C VAL D 190 13.61 15.90 14.00
N SER D 191 13.02 16.34 15.10
CA SER D 191 12.07 17.45 15.04
C SER D 191 12.63 18.71 15.69
N ALA D 192 13.94 18.89 15.58
CA ALA D 192 14.63 20.04 16.16
C ALA D 192 14.10 21.41 15.73
N ASP D 193 13.81 21.59 14.44
CA ASP D 193 13.30 22.88 13.97
C ASP D 193 11.87 23.09 14.46
N PRO D 194 11.65 24.11 15.31
CA PRO D 194 10.35 24.47 15.89
C PRO D 194 9.21 24.72 14.90
N GLU D 195 9.51 25.43 13.82
CA GLU D 195 8.48 25.71 12.83
C GLU D 195 8.06 24.40 12.18
N PHE D 196 9.05 23.58 11.83
CA PHE D 196 8.83 22.29 11.22
C PHE D 196 8.01 21.40 12.16
N ALA D 197 8.48 21.24 13.39
CA ALA D 197 7.78 20.43 14.38
C ALA D 197 6.35 20.90 14.55
N ARG D 198 6.14 22.22 14.45
CA ARG D 198 4.80 22.78 14.58
C ARG D 198 3.91 22.35 13.42
N LYS D 199 4.43 22.51 12.20
CA LYS D 199 3.67 22.14 11.01
C LYS D 199 3.38 20.63 11.04
N LEU D 200 4.41 19.86 11.36
CA LEU D 200 4.31 18.42 11.41
C LEU D 200 3.20 17.99 12.38
N LYS D 201 3.22 18.54 13.58
CA LYS D 201 2.23 18.18 14.58
C LYS D 201 0.80 18.49 14.12
N GLU D 202 0.65 19.65 13.51
CA GLU D 202 -0.65 20.08 13.04
C GLU D 202 -1.20 19.20 11.92
N ARG D 203 -0.32 18.58 11.14
CA ARG D 203 -0.76 17.70 10.06
C ARG D 203 -1.32 16.37 10.62
N HIS D 204 -0.94 16.00 11.83
CA HIS D 204 -1.40 14.77 12.45
C HIS D 204 -2.90 14.93 12.79
N PRO D 205 -3.76 14.02 12.33
CA PRO D 205 -5.19 14.12 12.64
C PRO D 205 -5.45 14.25 14.13
N LEU D 206 -4.68 13.53 14.94
CA LEU D 206 -4.83 13.60 16.39
C LEU D 206 -4.09 14.76 17.05
N ARG D 207 -3.44 15.58 16.23
CA ARG D 207 -2.72 16.77 16.69
C ARG D 207 -1.73 16.52 17.83
N LYS D 208 -0.96 15.44 17.73
CA LYS D 208 0.02 15.08 18.76
C LYS D 208 1.03 14.11 18.19
N PHE D 209 2.09 13.87 18.96
CA PHE D 209 3.11 12.91 18.60
C PHE D 209 2.79 11.69 19.47
N ALA D 210 3.39 10.55 19.18
CA ALA D 210 3.12 9.37 19.99
C ALA D 210 3.99 9.39 21.27
N GLU D 211 3.52 8.69 22.29
CA GLU D 211 4.23 8.57 23.56
C GLU D 211 4.94 7.24 23.50
N VAL D 212 6.02 7.10 24.26
CA VAL D 212 6.76 5.85 24.29
C VAL D 212 5.84 4.71 24.69
N GLU D 213 4.97 4.99 25.66
CA GLU D 213 4.04 3.98 26.15
C GLU D 213 3.18 3.41 25.02
N ASP D 214 2.74 4.28 24.10
CA ASP D 214 1.92 3.88 22.95
C ASP D 214 2.65 2.84 22.12
N VAL D 215 3.93 3.11 21.88
CA VAL D 215 4.79 2.21 21.11
C VAL D 215 4.99 0.89 21.85
N VAL D 216 5.33 0.96 23.13
CA VAL D 216 5.55 -0.23 23.95
C VAL D 216 4.27 -1.09 23.98
N ASN D 217 3.11 -0.44 24.11
CA ASN D 217 1.83 -1.16 24.14
C ASN D 217 1.61 -2.04 22.91
N SER D 218 1.89 -1.50 21.73
CA SER D 218 1.72 -2.27 20.51
C SER D 218 2.76 -3.38 20.42
N ILE D 219 3.97 -3.11 20.87
CA ILE D 219 5.02 -4.15 20.83
C ILE D 219 4.58 -5.33 21.70
N LEU D 220 4.12 -5.06 22.93
CA LEU D 220 3.68 -6.14 23.80
C LEU D 220 2.49 -6.89 23.23
N PHE D 221 1.55 -6.17 22.64
CA PHE D 221 0.39 -6.80 22.03
C PHE D 221 0.86 -7.82 20.97
N LEU D 222 1.78 -7.41 20.10
CA LEU D 222 2.31 -8.28 19.06
C LEU D 222 3.11 -9.45 19.57
N LEU D 223 3.79 -9.27 20.70
CA LEU D 223 4.56 -10.39 21.25
C LEU D 223 3.64 -11.39 21.93
N SER D 224 2.50 -10.93 22.44
CA SER D 224 1.56 -11.80 23.15
C SER D 224 0.74 -12.70 22.26
N ASP D 225 0.12 -13.71 22.86
CA ASP D 225 -0.72 -14.64 22.11
C ASP D 225 -2.13 -14.05 21.87
N ARG D 226 -2.28 -12.75 22.13
CA ARG D 226 -3.55 -12.08 21.86
C ARG D 226 -3.52 -11.59 20.39
N SER D 227 -2.43 -11.90 19.71
CA SER D 227 -2.26 -11.52 18.31
C SER D 227 -1.82 -12.77 17.54
N ALA D 228 -2.41 -13.90 17.93
CA ALA D 228 -2.06 -15.20 17.38
C ALA D 228 -2.17 -15.41 15.87
N SER D 229 -2.95 -14.57 15.19
CA SER D 229 -3.09 -14.71 13.74
C SER D 229 -2.60 -13.45 13.02
N THR D 230 -1.70 -12.72 13.66
CA THR D 230 -1.15 -11.49 13.09
C THR D 230 0.32 -11.71 12.82
N SER D 231 0.69 -11.61 11.55
CA SER D 231 2.08 -11.79 11.12
C SER D 231 2.25 -11.27 9.70
N GLY D 232 3.39 -10.63 9.45
CA GLY D 232 3.72 -10.11 8.13
C GLY D 232 3.57 -8.64 7.89
N GLY D 233 2.76 -7.99 8.71
CA GLY D 233 2.54 -6.56 8.52
C GLY D 233 2.94 -5.78 9.74
N GLY D 234 2.25 -4.69 9.99
CA GLY D 234 2.57 -3.87 11.14
C GLY D 234 1.43 -3.03 11.70
N ILE D 235 1.69 -2.41 12.83
CA ILE D 235 0.70 -1.54 13.45
C ILE D 235 1.24 -0.13 13.42
N LEU D 236 0.45 0.78 12.88
CA LEU D 236 0.83 2.18 12.81
C LEU D 236 0.55 2.85 14.15
N VAL D 237 1.57 3.46 14.73
CA VAL D 237 1.43 4.20 15.99
C VAL D 237 1.82 5.60 15.54
N ASP D 238 1.12 6.07 14.51
CA ASP D 238 1.40 7.34 13.87
C ASP D 238 0.48 8.51 14.21
N ALA D 239 -0.40 8.31 15.20
CA ALA D 239 -1.37 9.35 15.59
C ALA D 239 -2.14 9.83 14.35
N GLY D 240 -2.42 8.89 13.44
CA GLY D 240 -3.15 9.16 12.21
C GLY D 240 -2.45 9.82 11.02
N TYR D 241 -1.13 9.99 11.10
CA TYR D 241 -0.36 10.66 10.05
C TYR D 241 -0.55 10.14 8.61
N LEU D 242 -0.61 8.82 8.45
CA LEU D 242 -0.79 8.24 7.14
C LEU D 242 -2.16 8.60 6.53
N ALA D 243 -3.08 9.08 7.38
CA ALA D 243 -4.40 9.49 6.93
C ALA D 243 -4.46 11.01 6.70
N SER D 244 -3.30 11.67 6.69
CA SER D 244 -3.29 13.12 6.50
C SER D 244 -2.95 13.57 5.07
PA NDP E . -21.80 -13.76 10.27
O1A NDP E . -22.60 -13.87 9.04
O2A NDP E . -21.49 -14.99 11.01
O5B NDP E . -22.41 -12.64 11.20
C5B NDP E . -22.80 -11.37 10.66
C4B NDP E . -23.78 -10.73 11.64
O4B NDP E . -24.19 -9.42 11.21
C3B NDP E . -25.08 -11.52 11.79
O3B NDP E . -25.73 -11.30 13.05
C2B NDP E . -25.97 -10.86 10.75
O2B NDP E . -27.35 -11.06 11.15
C1B NDP E . -25.60 -9.42 10.97
N9A NDP E . -26.13 -8.60 9.86
C8A NDP E . -25.98 -8.86 8.55
N7A NDP E . -26.73 -8.04 7.81
C5A NDP E . -27.34 -7.29 8.72
C6A NDP E . -28.27 -6.30 8.43
N6A NDP E . -28.70 -6.07 7.18
N1A NDP E . -28.77 -5.64 9.50
C2A NDP E . -28.42 -5.94 10.75
N3A NDP E . -27.53 -6.91 11.01
C4A NDP E . -26.98 -7.60 10.00
O3 NDP E . -20.46 -13.04 9.84
PN NDP E . -19.05 -12.80 10.55
O1N NDP E . -18.19 -13.82 9.94
O2N NDP E . -19.22 -12.76 12.01
O5D NDP E . -18.56 -11.41 9.95
C5D NDP E . -18.62 -10.23 10.73
C4D NDP E . -17.78 -9.12 10.11
O4D NDP E . -16.49 -9.73 9.89
C3D NDP E . -18.25 -8.65 8.75
O3D NDP E . -17.99 -7.26 8.55
C2D NDP E . -17.38 -9.44 7.77
O2D NDP E . -17.22 -8.63 6.61
C1D NDP E . -16.08 -9.51 8.55
N1N NDP E . -15.22 -10.62 8.11
C2N NDP E . -15.58 -12.00 8.24
C3N NDP E . -14.69 -12.99 7.79
C7N NDP E . -15.00 -14.51 7.77
O7N NDP E . -14.41 -15.30 7.03
N7N NDP E . -15.95 -14.98 8.56
C4N NDP E . -13.47 -12.59 7.26
C5N NDP E . -13.10 -11.23 7.14
C6N NDP E . -13.99 -10.25 7.57
P2B NDP E . -28.29 -12.10 10.41
O1X NDP E . -29.68 -11.97 11.18
O2X NDP E . -27.77 -13.45 10.55
O3X NDP E . -28.53 -11.56 9.04
C1 IPA F . -15.08 -13.40 3.13
C2 IPA F . -13.86 -13.12 3.96
C3 IPA F . -12.65 -13.89 3.44
O2 IPA F . -13.62 -11.72 4.03
PA NDP G . -15.99 16.82 -15.26
O1A NDP G . -16.99 17.17 -14.23
O2A NDP G . -15.22 17.94 -15.86
O5B NDP G . -16.58 15.84 -16.37
C5B NDP G . -17.21 14.62 -15.99
C4B NDP G . -18.04 14.09 -17.14
O4B NDP G . -18.70 12.90 -16.66
C3B NDP G . -19.14 15.06 -17.58
O3B NDP G . -19.28 15.00 -19.00
C2B NDP G . -20.38 14.50 -16.95
O2B NDP G . -21.61 14.84 -17.62
C1B NDP G . -20.07 13.03 -17.01
N9A NDP G . -20.98 12.33 -16.10
C8A NDP G . -21.14 12.59 -14.78
N7A NDP G . -22.19 11.91 -14.30
C5A NDP G . -22.67 11.24 -15.36
C6A NDP G . -23.79 10.42 -15.37
N6A NDP G . -24.54 10.23 -14.28
N1A NDP G . -24.09 9.85 -16.55
C2A NDP G . -23.35 10.06 -17.65
N3A NDP G . -22.29 10.85 -17.63
C4A NDP G . -21.91 11.46 -16.49
O3 NDP G . -14.94 15.84 -14.53
PN NDP G . -13.41 15.45 -14.80
O1N NDP G . -12.56 16.28 -13.94
O2N NDP G . -13.16 15.35 -16.24
O5D NDP G . -13.36 13.97 -14.19
C5D NDP G . -13.31 12.81 -15.02
C4D NDP G . -12.83 11.63 -14.21
O4D NDP G . -11.55 11.97 -13.65
C3D NDP G . -13.71 11.27 -13.01
O3D NDP G . -13.65 9.86 -12.77
C2D NDP G . -13.05 11.95 -11.83
O2D NDP G . -13.39 11.17 -10.68
C1D NDP G . -11.61 11.74 -12.24
N1N NDP G . -10.69 12.64 -11.51
C2N NDP G . -10.78 14.04 -11.61
C3N NDP G . -9.90 14.84 -10.90
C7N NDP G . -9.99 16.36 -10.98
O7N NDP G . -9.54 17.10 -10.11
N7N NDP G . -10.60 16.84 -12.06
C4N NDP G . -8.91 14.27 -10.10
C5N NDP G . -8.82 12.88 -10.01
C6N NDP G . -9.71 12.06 -10.72
P2B NDP G . -22.42 16.13 -17.07
O1X NDP G . -23.46 16.33 -18.27
O2X NDP G . -21.59 17.35 -16.90
O3X NDP G . -23.15 15.69 -15.88
C1 IPA H . -11.66 15.50 -7.05
C2 IPA H . -10.25 14.92 -7.14
C3 IPA H . -9.37 15.33 -5.98
O2 IPA H . -10.32 13.50 -7.24
PA NDP I . 20.76 -9.34 -16.04
O1A NDP I . 21.43 -10.23 -15.06
O2A NDP I . 20.34 -9.89 -17.33
O5B NDP I . 21.59 -8.00 -16.20
C5B NDP I . 22.13 -7.30 -15.08
C4B NDP I . 23.10 -6.31 -15.68
O4B NDP I . 23.50 -5.39 -14.67
C3B NDP I . 24.31 -7.03 -16.23
O3B NDP I . 24.86 -6.37 -17.40
C2B NDP I . 25.24 -6.92 -15.04
O2B NDP I . 26.61 -7.02 -15.42
C1B NDP I . 24.92 -5.53 -14.55
N9A NDP I . 25.50 -5.36 -13.20
C8A NDP I . 25.29 -6.15 -12.12
N7A NDP I . 26.11 -5.82 -11.12
C5A NDP I . 26.81 -4.83 -11.62
C6A NDP I . 27.82 -4.18 -10.93
N6A NDP I . 28.18 -4.60 -9.72
N1A NDP I . 28.42 -3.17 -11.60
C2A NDP I . 28.07 -2.83 -12.84
N3A NDP I . 27.10 -3.48 -13.50
C4A NDP I . 26.45 -4.49 -12.91
O3 NDP I . 19.45 -8.74 -15.29
PN NDP I . 18.05 -8.09 -15.71
O1N NDP I . 17.03 -9.15 -15.58
O2N NDP I . 18.11 -7.33 -16.97
O5D NDP I . 17.79 -7.07 -14.50
C5D NDP I . 17.91 -5.65 -14.66
C4D NDP I . 17.12 -4.95 -13.57
O4D NDP I . 15.77 -5.48 -13.67
C3D NDP I . 17.58 -5.19 -12.14
O3D NDP I . 17.41 -4.02 -11.34
C2D NDP I . 16.64 -6.29 -11.65
O2D NDP I . 16.49 -6.23 -10.24
C1D NDP I . 15.36 -5.92 -12.38
N1N NDP I . 14.40 -7.02 -12.54
C2N NDP I . 14.69 -8.23 -13.21
C3N NDP I . 13.68 -9.20 -13.29
C7N NDP I . 13.86 -10.56 -14.01
O7N NDP I . 13.20 -11.56 -13.71
N7N NDP I . 14.77 -10.61 -14.97
C4N NDP I . 12.44 -8.94 -12.71
C5N NDP I . 12.16 -7.73 -12.06
C6N NDP I . 13.15 -6.75 -11.97
P2B NDP I . 27.30 -8.46 -15.46
O1X NDP I . 28.59 -8.19 -16.35
O2X NDP I . 26.51 -9.51 -16.10
O3X NDP I . 27.71 -8.75 -14.07
C1 IPA J . 14.31 -11.31 -9.57
C2 IPA J . 12.89 -10.93 -9.94
C3 IPA J . 11.88 -11.95 -9.44
O2 IPA J . 12.53 -9.63 -9.45
PA NDP K . 17.05 6.28 20.98
O1A NDP K . 18.13 6.99 20.25
O2A NDP K . 16.37 6.98 22.07
O5B NDP K . 17.48 4.79 21.37
C5B NDP K . 18.10 3.86 20.46
C4B NDP K . 18.86 2.84 21.30
O4B NDP K . 19.46 1.90 20.40
C3B NDP K . 19.98 3.40 22.17
O3B NDP K . 20.17 2.74 23.42
C2B NDP K . 21.17 3.22 21.27
O2B NDP K . 22.37 3.12 22.04
C1B NDP K . 20.86 1.90 20.64
N9A NDP K . 21.70 1.65 19.48
C8A NDP K . 21.87 2.39 18.37
N7A NDP K . 22.81 1.87 17.57
C5A NDP K . 23.22 0.79 18.24
C6A NDP K . 24.25 -0.08 17.86
N6A NDP K . 25.03 0.17 16.81
N1A NDP K . 24.48 -1.11 18.72
C2A NDP K . 23.79 -1.27 19.85
N3A NDP K . 22.83 -0.43 20.23
C4A NDP K . 22.54 0.62 19.43
O3 NDP K . 15.94 5.92 19.88
PN NDP K . 14.41 5.48 19.97
O1N NDP K . 13.60 6.70 19.68
O2N NDP K . 14.14 4.72 21.22
O5D NDP K . 14.25 4.48 18.71
C5D NDP K . 14.14 3.06 18.91
C4D NDP K . 13.51 2.51 17.64
O4D NDP K . 12.29 3.27 17.42
C3D NDP K . 14.37 2.68 16.39
O3D NDP K . 14.29 1.55 15.54
C2D NDP K . 13.75 3.88 15.68
O2D NDP K . 13.99 3.73 14.28
C1D NDP K . 12.30 3.68 16.05
N1N NDP K . 11.48 4.88 15.89
C2N NDP K . 11.70 6.06 16.62
C3N NDP K . 10.93 7.20 16.36
C7N NDP K . 11.16 8.53 17.11
O7N NDP K . 10.69 9.61 16.71
N7N NDP K . 11.89 8.48 18.21
C4N NDP K . 9.93 7.12 15.36
C5N NDP K . 9.71 5.94 14.65
C6N NDP K . 10.50 4.81 14.91
P2B NDP K . 23.37 4.37 22.10
O1X NDP K . 24.34 4.00 23.30
O2X NDP K . 22.59 5.51 22.60
O3X NDP K . 24.12 4.58 20.85
C1 IPA L . 12.92 8.89 13.23
C2 IPA L . 11.42 8.83 13.02
C3 IPA L . 10.92 9.97 12.16
O2 IPA L . 11.00 7.62 12.42
#